data_1FL6
#
_entry.id   1FL6
#
_cell.length_a   54.460
_cell.length_b   127.610
_cell.length_c   65.590
_cell.angle_alpha   90.00
_cell.angle_beta   104.62
_cell.angle_gamma   90.00
#
_symmetry.space_group_name_H-M   'P 1 21 1'
#
loop_
_entity.id
_entity.type
_entity.pdbx_description
1 polymer 'ANTIBODY GERMLINE PRECURSOR TO 28B4'
2 polymer 'ANTIBODY GERMLINE PRECURSOR TO 28B4'
3 non-polymer "1-[N-4'-NITROBENZYL-N-4'-CARBOXYBUTYLAMINO]METHYLPHOSPHONIC ACID"
#
loop_
_entity_poly.entity_id
_entity_poly.type
_entity_poly.pdbx_seq_one_letter_code
_entity_poly.pdbx_strand_id
1 'polypeptide(L)'
;ELVMTQTPLSLPVSLGDQASISCRSSQSIVHSNGNTYLEWYLQKPGQSPKLLIYKVSNRFSGVPDRFSGSGSGTDFTLKI
SRVEAEDLGVYYCFQGSHVPRTFGGGTKLEIKRTVAAPSVFIFPPSDEQLKSGTASVVCLLNNFYPREAKVQWKVDNALQ
SGNSQESVTEQDSKDSTYSLSSTLTLSKADYEKHKVYACEVTHQGLSSPVTKSFNRG
;
L,A
2 'polypeptide(L)'
;QVQLVESGGGLVQPGGSLRLSCATSGFTFTDYYMSWVRQPPGKALEWLGFIRNKANGYTTEYSASVKGRFTISRDNSQSI
LYLQMNTLRAEDSATYYCARDGSYAMDYWGQGTSVTVSSASTKGPSVFPLAPSSKSTSGGTAALGCLVKDYFPEPVTVSW
NSGALTSGVHTFPAVLQSSGLYSLSSVVTVPSSSLGTQTYICNVNHKPSNTKVDKKVEP
;
H,B
#
# COMPACT_ATOMS: atom_id res chain seq x y z
N GLU A 1 -11.67 1.59 -39.67
CA GLU A 1 -11.73 1.24 -41.12
C GLU A 1 -13.14 1.56 -41.64
N LEU A 2 -14.10 0.73 -41.24
CA LEU A 2 -15.50 0.85 -41.65
C LEU A 2 -16.08 2.24 -41.50
N VAL A 3 -16.94 2.61 -42.46
CA VAL A 3 -17.57 3.92 -42.47
C VAL A 3 -19.05 3.81 -42.82
N MET A 4 -19.91 4.12 -41.86
CA MET A 4 -21.35 4.07 -42.08
C MET A 4 -21.86 5.46 -42.42
N THR A 5 -22.45 5.61 -43.61
CA THR A 5 -22.97 6.91 -44.02
C THR A 5 -24.47 6.83 -44.26
N GLN A 6 -25.21 7.64 -43.51
CA GLN A 6 -26.66 7.68 -43.63
C GLN A 6 -27.09 8.83 -44.51
N THR A 7 -28.30 8.75 -45.03
CA THR A 7 -28.87 9.79 -45.89
C THR A 7 -30.36 9.58 -46.03
N PRO A 8 -31.14 10.67 -45.94
CA PRO A 8 -30.65 12.03 -45.70
C PRO A 8 -30.28 12.29 -44.25
N LEU A 9 -29.70 13.46 -43.98
CA LEU A 9 -29.33 13.83 -42.63
C LEU A 9 -30.61 14.28 -41.94
N SER A 10 -31.53 14.83 -42.74
CA SER A 10 -32.82 15.29 -42.24
C SER A 10 -33.90 14.72 -43.16
N LEU A 11 -35.14 14.69 -42.68
CA LEU A 11 -36.25 14.16 -43.47
C LEU A 11 -37.62 14.68 -43.05
N PRO A 12 -38.21 15.55 -43.87
CA PRO A 12 -39.53 16.11 -43.59
C PRO A 12 -40.61 15.24 -44.21
N VAL A 13 -41.43 14.60 -43.40
CA VAL A 13 -42.49 13.76 -43.94
C VAL A 13 -43.83 14.22 -43.41
N SER A 14 -44.86 14.04 -44.22
CA SER A 14 -46.20 14.45 -43.83
C SER A 14 -46.91 13.32 -43.11
N LEU A 15 -47.54 13.67 -41.99
CA LEU A 15 -48.27 12.71 -41.18
C LEU A 15 -49.07 11.79 -42.10
N GLY A 16 -48.81 10.49 -42.02
CA GLY A 16 -49.51 9.53 -42.86
C GLY A 16 -48.76 9.01 -44.09
N ASP A 17 -47.77 9.77 -44.54
CA ASP A 17 -46.97 9.40 -45.72
C ASP A 17 -46.02 8.25 -45.44
N GLN A 18 -45.12 7.99 -46.38
CA GLN A 18 -44.15 6.92 -46.24
C GLN A 18 -42.76 7.53 -46.15
N ALA A 19 -41.93 6.98 -45.28
CA ALA A 19 -40.58 7.49 -45.09
C ALA A 19 -39.54 6.41 -45.42
N SER A 20 -38.46 6.84 -46.07
CA SER A 20 -37.38 5.94 -46.45
C SER A 20 -36.02 6.49 -46.04
N ILE A 21 -35.12 5.62 -45.57
CA ILE A 21 -33.78 6.02 -45.17
C ILE A 21 -32.74 5.01 -45.62
N SER A 22 -31.55 5.49 -45.95
CA SER A 22 -30.47 4.62 -46.40
C SER A 22 -29.22 4.65 -45.53
N CYS A 23 -28.58 3.50 -45.42
CA CYS A 23 -27.36 3.34 -44.65
C CYS A 23 -26.39 2.52 -45.51
N ARG A 24 -25.35 3.18 -45.99
CA ARG A 24 -24.34 2.53 -46.84
C ARG A 24 -23.02 2.33 -46.10
N SER A 25 -22.55 1.08 -46.06
CA SER A 25 -21.30 0.74 -45.36
C SER A 25 -20.08 0.91 -46.27
N SER A 26 -18.90 0.88 -45.66
CA SER A 26 -17.64 1.03 -46.40
C SER A 26 -17.25 -0.30 -47.03
N GLN A 27 -17.73 -1.39 -46.43
CA GLN A 27 -17.42 -2.73 -46.91
C GLN A 27 -18.58 -3.66 -46.58
N SER A 28 -18.56 -4.84 -47.18
CA SER A 28 -19.60 -5.82 -46.91
C SER A 28 -19.65 -5.95 -45.41
N ILE A 29 -20.84 -6.14 -44.86
CA ILE A 29 -20.97 -6.30 -43.42
C ILE A 29 -21.49 -7.69 -43.13
N VAL A 30 -21.18 -8.61 -44.03
CA VAL A 30 -21.58 -10.00 -43.89
C VAL A 30 -20.60 -10.70 -42.97
N HIS A 31 -20.96 -10.81 -41.70
CA HIS A 31 -20.10 -11.46 -40.71
C HIS A 31 -19.66 -12.84 -41.17
N SER A 32 -18.44 -12.91 -41.70
CA SER A 32 -17.84 -14.15 -42.19
C SER A 32 -18.80 -15.32 -42.10
N ASN A 33 -18.75 -16.02 -40.97
CA ASN A 33 -19.62 -17.17 -40.73
C ASN A 33 -21.02 -16.75 -40.29
N GLY A 34 -22.02 -17.23 -41.00
CA GLY A 34 -23.40 -16.92 -40.64
C GLY A 34 -24.14 -15.97 -41.59
N ASN A 35 -24.31 -14.73 -41.14
CA ASN A 35 -25.05 -13.75 -41.92
C ASN A 35 -24.51 -12.32 -41.77
N THR A 36 -25.41 -11.34 -41.72
CA THR A 36 -25.01 -9.95 -41.57
C THR A 36 -25.77 -9.25 -40.43
N TYR A 37 -25.03 -8.73 -39.46
CA TYR A 37 -25.62 -8.05 -38.32
C TYR A 37 -25.68 -6.53 -38.54
N LEU A 38 -26.79 -6.08 -39.11
CA LEU A 38 -27.01 -4.66 -39.37
C LEU A 38 -28.29 -4.25 -38.66
N GLU A 39 -28.17 -3.43 -37.60
CA GLU A 39 -29.33 -3.00 -36.83
C GLU A 39 -29.77 -1.54 -37.04
N TRP A 40 -31.02 -1.27 -36.63
CA TRP A 40 -31.61 0.06 -36.70
C TRP A 40 -32.10 0.45 -35.32
N TYR A 41 -31.56 1.54 -34.79
CA TYR A 41 -31.94 2.04 -33.49
C TYR A 41 -32.58 3.41 -33.69
N LEU A 42 -33.49 3.78 -32.80
CA LEU A 42 -34.20 5.06 -32.86
C LEU A 42 -34.19 5.81 -31.54
N GLN A 43 -33.76 7.05 -31.58
CA GLN A 43 -33.75 7.87 -30.37
C GLN A 43 -34.77 9.00 -30.43
N LYS A 44 -35.67 9.02 -29.45
CA LYS A 44 -36.72 10.04 -29.35
C LYS A 44 -36.27 11.06 -28.30
N PRO A 45 -36.56 12.34 -28.53
CA PRO A 45 -36.21 13.46 -27.64
C PRO A 45 -36.27 13.19 -26.13
N GLY A 46 -35.11 13.32 -25.49
CA GLY A 46 -35.01 13.10 -24.05
C GLY A 46 -35.00 11.65 -23.61
N GLN A 47 -35.11 10.73 -24.55
CA GLN A 47 -35.09 9.31 -24.22
C GLN A 47 -33.74 8.72 -24.59
N SER A 48 -33.62 7.42 -24.39
CA SER A 48 -32.39 6.70 -24.72
C SER A 48 -32.65 6.02 -26.07
N PRO A 49 -31.58 5.63 -26.78
CA PRO A 49 -31.78 4.97 -28.06
C PRO A 49 -32.53 3.67 -27.77
N LYS A 50 -33.27 3.16 -28.75
CA LYS A 50 -34.02 1.91 -28.59
C LYS A 50 -33.95 1.05 -29.86
N LEU A 51 -33.88 -0.27 -29.67
CA LEU A 51 -33.81 -1.18 -30.80
C LEU A 51 -35.09 -1.25 -31.60
N LEU A 52 -34.95 -1.40 -32.92
CA LEU A 52 -36.11 -1.51 -33.80
C LEU A 52 -35.97 -2.78 -34.66
N ILE A 53 -34.88 -2.84 -35.42
CA ILE A 53 -34.64 -4.00 -36.28
C ILE A 53 -33.25 -4.56 -36.01
N TYR A 54 -33.14 -5.85 -35.70
CA TYR A 54 -31.81 -6.39 -35.43
C TYR A 54 -31.02 -6.93 -36.61
N LYS A 55 -31.23 -8.20 -36.99
CA LYS A 55 -30.44 -8.76 -38.08
C LYS A 55 -30.34 -7.90 -39.33
N VAL A 56 -31.48 -7.61 -39.96
CA VAL A 56 -31.51 -6.77 -41.17
C VAL A 56 -32.93 -6.42 -41.50
N SER A 57 -33.82 -7.36 -41.22
CA SER A 57 -35.25 -7.21 -41.46
C SER A 57 -35.96 -7.68 -40.21
N ASN A 58 -35.18 -8.23 -39.27
CA ASN A 58 -35.73 -8.71 -38.02
C ASN A 58 -36.21 -7.62 -37.10
N ARG A 59 -37.53 -7.61 -36.92
CA ARG A 59 -38.22 -6.63 -36.11
C ARG A 59 -38.31 -7.06 -34.65
N PHE A 60 -37.73 -6.25 -33.78
CA PHE A 60 -37.73 -6.52 -32.35
C PHE A 60 -39.17 -6.52 -31.80
N SER A 61 -39.29 -6.95 -30.55
CA SER A 61 -40.55 -7.05 -29.82
C SER A 61 -41.68 -6.10 -30.21
N GLY A 62 -42.11 -5.30 -29.23
CA GLY A 62 -43.22 -4.37 -29.43
C GLY A 62 -43.11 -3.32 -30.52
N VAL A 63 -42.37 -3.64 -31.57
CA VAL A 63 -42.19 -2.71 -32.68
C VAL A 63 -43.28 -2.92 -33.73
N PRO A 64 -44.01 -1.84 -34.09
CA PRO A 64 -45.07 -1.93 -35.09
C PRO A 64 -44.56 -2.55 -36.39
N ASP A 65 -45.47 -2.85 -37.31
CA ASP A 65 -45.09 -3.45 -38.57
C ASP A 65 -44.83 -2.42 -39.67
N ARG A 66 -45.02 -1.14 -39.36
CA ARG A 66 -44.81 -0.07 -40.34
C ARG A 66 -43.33 0.04 -40.65
N PHE A 67 -42.51 -0.49 -39.75
CA PHE A 67 -41.06 -0.43 -39.93
C PHE A 67 -40.57 -1.71 -40.58
N SER A 68 -39.68 -1.56 -41.57
CA SER A 68 -39.15 -2.73 -42.25
C SER A 68 -37.72 -2.51 -42.68
N GLY A 69 -36.87 -3.47 -42.33
CA GLY A 69 -35.47 -3.39 -42.70
C GLY A 69 -35.24 -4.12 -44.00
N SER A 70 -34.18 -3.75 -44.71
CA SER A 70 -33.89 -4.40 -45.97
C SER A 70 -32.55 -3.97 -46.53
N GLY A 71 -32.06 -4.75 -47.50
CA GLY A 71 -30.78 -4.46 -48.12
C GLY A 71 -29.77 -5.51 -47.73
N SER A 72 -28.65 -5.59 -48.45
CA SER A 72 -27.60 -6.56 -48.15
C SER A 72 -26.25 -6.15 -48.70
N GLY A 73 -25.19 -6.74 -48.15
CA GLY A 73 -23.85 -6.44 -48.60
C GLY A 73 -23.32 -5.07 -48.18
N THR A 74 -23.86 -4.02 -48.77
CA THR A 74 -23.40 -2.66 -48.45
C THR A 74 -24.49 -1.61 -48.55
N ASP A 75 -25.70 -2.03 -48.91
CA ASP A 75 -26.82 -1.11 -49.01
C ASP A 75 -28.00 -1.59 -48.18
N PHE A 76 -28.43 -0.75 -47.24
CA PHE A 76 -29.56 -1.09 -46.39
C PHE A 76 -30.50 0.10 -46.32
N THR A 77 -31.78 -0.19 -46.16
CA THR A 77 -32.79 0.85 -46.09
C THR A 77 -33.85 0.59 -45.04
N LEU A 78 -34.22 1.64 -44.32
CA LEU A 78 -35.26 1.53 -43.31
C LEU A 78 -36.44 2.33 -43.84
N LYS A 79 -37.60 1.67 -43.90
CA LYS A 79 -38.79 2.33 -44.42
C LYS A 79 -39.92 2.31 -43.41
N ILE A 80 -40.61 3.44 -43.32
CA ILE A 80 -41.73 3.59 -42.42
C ILE A 80 -42.93 4.00 -43.27
N SER A 81 -43.84 3.07 -43.49
CA SER A 81 -45.04 3.37 -44.26
C SER A 81 -46.06 3.91 -43.27
N ARG A 82 -46.76 4.98 -43.66
CA ARG A 82 -47.76 5.60 -42.80
C ARG A 82 -47.10 6.17 -41.54
N VAL A 83 -46.35 7.25 -41.72
CA VAL A 83 -45.66 7.95 -40.64
C VAL A 83 -46.67 8.64 -39.73
N GLU A 84 -46.27 8.94 -38.50
CA GLU A 84 -47.17 9.61 -37.57
C GLU A 84 -46.42 10.33 -36.45
N ALA A 85 -47.17 11.12 -35.68
CA ALA A 85 -46.64 11.91 -34.57
C ALA A 85 -45.58 11.21 -33.71
N GLU A 86 -45.85 9.97 -33.34
CA GLU A 86 -44.94 9.20 -32.48
C GLU A 86 -43.55 8.85 -33.02
N ASP A 87 -43.47 8.54 -34.31
CA ASP A 87 -42.21 8.16 -34.94
C ASP A 87 -41.19 9.28 -35.03
N LEU A 88 -41.41 10.34 -34.28
CA LEU A 88 -40.52 11.50 -34.30
C LEU A 88 -39.20 11.22 -33.58
N GLY A 89 -38.09 11.70 -34.15
CA GLY A 89 -36.79 11.51 -33.53
C GLY A 89 -35.69 11.17 -34.52
N VAL A 90 -34.52 10.81 -34.03
CA VAL A 90 -33.41 10.46 -34.91
C VAL A 90 -33.22 8.95 -35.03
N TYR A 91 -32.99 8.48 -36.26
CA TYR A 91 -32.78 7.06 -36.52
C TYR A 91 -31.32 6.78 -36.84
N TYR A 92 -30.83 5.64 -36.36
CA TYR A 92 -29.44 5.25 -36.56
C TYR A 92 -29.33 3.79 -36.96
N CYS A 93 -28.30 3.48 -37.74
CA CYS A 93 -28.06 2.12 -38.15
C CYS A 93 -26.76 1.72 -37.49
N PHE A 94 -26.60 0.42 -37.23
CA PHE A 94 -25.42 -0.07 -36.54
C PHE A 94 -24.97 -1.38 -37.19
N GLN A 95 -23.66 -1.52 -37.34
CA GLN A 95 -23.09 -2.72 -37.93
C GLN A 95 -22.48 -3.52 -36.79
N GLY A 96 -22.99 -4.73 -36.59
CA GLY A 96 -22.49 -5.56 -35.51
C GLY A 96 -21.89 -6.86 -36.00
N SER A 97 -21.06 -6.76 -37.03
CA SER A 97 -20.40 -7.94 -37.60
C SER A 97 -18.90 -7.80 -37.48
N HIS A 98 -18.41 -6.58 -37.67
CA HIS A 98 -16.97 -6.33 -37.60
C HIS A 98 -16.58 -5.37 -36.48
N VAL A 99 -15.51 -5.71 -35.78
CA VAL A 99 -15.01 -4.90 -34.68
C VAL A 99 -13.80 -4.11 -35.18
N PRO A 100 -13.74 -2.80 -34.89
CA PRO A 100 -14.67 -1.94 -34.14
C PRO A 100 -16.09 -1.88 -34.71
N ARG A 101 -17.05 -1.65 -33.83
CA ARG A 101 -18.45 -1.55 -34.23
C ARG A 101 -18.65 -0.16 -34.78
N THR A 102 -19.61 -0.01 -35.69
CA THR A 102 -19.84 1.30 -36.30
C THR A 102 -21.27 1.83 -36.24
N PHE A 103 -21.39 3.13 -35.98
CA PHE A 103 -22.67 3.81 -35.90
C PHE A 103 -22.91 4.75 -37.07
N GLY A 104 -24.12 4.69 -37.62
CA GLY A 104 -24.46 5.53 -38.75
C GLY A 104 -24.44 6.99 -38.34
N GLY A 105 -24.33 7.88 -39.31
CA GLY A 105 -24.29 9.31 -39.01
C GLY A 105 -25.51 9.79 -38.25
N GLY A 106 -26.66 9.20 -38.51
CA GLY A 106 -27.87 9.61 -37.82
C GLY A 106 -28.82 10.43 -38.69
N THR A 107 -30.02 9.89 -38.91
CA THR A 107 -30.99 10.60 -39.73
C THR A 107 -32.13 11.11 -38.88
N LYS A 108 -32.29 12.43 -38.86
CA LYS A 108 -33.35 13.07 -38.11
C LYS A 108 -34.66 12.99 -38.87
N LEU A 109 -35.76 13.19 -38.16
CA LEU A 109 -37.08 13.12 -38.75
C LEU A 109 -38.01 14.12 -38.08
N GLU A 110 -38.49 15.09 -38.87
CA GLU A 110 -39.40 16.07 -38.33
C GLU A 110 -40.76 15.85 -38.98
N ILE A 111 -41.83 16.11 -38.23
CA ILE A 111 -43.18 15.94 -38.74
C ILE A 111 -43.84 17.25 -39.16
N LYS A 112 -44.22 17.33 -40.43
CA LYS A 112 -44.87 18.53 -40.96
C LYS A 112 -46.37 18.51 -40.71
N ARG A 113 -46.88 19.64 -40.22
CA ARG A 113 -48.30 19.79 -39.91
C ARG A 113 -48.79 21.16 -40.37
N THR A 114 -50.11 21.32 -40.39
CA THR A 114 -50.72 22.57 -40.81
C THR A 114 -50.05 23.71 -40.06
N VAL A 115 -50.18 24.93 -40.54
CA VAL A 115 -49.56 26.05 -39.87
C VAL A 115 -50.26 26.44 -38.57
N ALA A 116 -49.45 26.71 -37.55
CA ALA A 116 -49.92 27.09 -36.22
C ALA A 116 -49.14 28.30 -35.74
N ALA A 117 -49.87 29.37 -35.40
CA ALA A 117 -49.22 30.58 -34.92
C ALA A 117 -48.80 30.46 -33.43
N PRO A 118 -47.76 31.20 -33.04
CA PRO A 118 -47.29 31.16 -31.65
C PRO A 118 -48.12 32.02 -30.72
N SER A 119 -48.30 31.57 -29.49
CA SER A 119 -49.07 32.32 -28.50
C SER A 119 -48.01 32.97 -27.62
N VAL A 120 -47.99 34.30 -27.61
CA VAL A 120 -46.99 35.02 -26.86
C VAL A 120 -47.32 35.43 -25.42
N PHE A 121 -46.33 35.26 -24.55
CA PHE A 121 -46.44 35.64 -23.14
C PHE A 121 -45.16 36.40 -22.74
N ILE A 122 -45.25 37.33 -21.80
CA ILE A 122 -44.08 38.10 -21.37
C ILE A 122 -44.02 38.24 -19.85
N PHE A 123 -42.88 37.86 -19.29
CA PHE A 123 -42.67 37.92 -17.83
C PHE A 123 -41.61 38.93 -17.42
N PRO A 124 -41.95 39.80 -16.45
CA PRO A 124 -41.02 40.82 -15.95
C PRO A 124 -40.07 40.18 -14.94
N PRO A 125 -38.92 40.82 -14.66
CA PRO A 125 -38.00 40.22 -13.69
C PRO A 125 -38.58 40.08 -12.29
N SER A 126 -38.37 38.92 -11.67
CA SER A 126 -38.86 38.66 -10.32
C SER A 126 -38.33 39.72 -9.37
N ASP A 127 -38.97 39.85 -8.20
CA ASP A 127 -38.50 40.81 -7.21
C ASP A 127 -37.27 40.20 -6.59
N GLU A 128 -37.37 38.91 -6.31
CA GLU A 128 -36.28 38.13 -5.73
C GLU A 128 -35.01 38.30 -6.58
N GLN A 129 -35.15 38.27 -7.90
CA GLN A 129 -33.98 38.41 -8.76
C GLN A 129 -33.48 39.84 -8.83
N LEU A 130 -34.35 40.80 -8.57
CA LEU A 130 -33.94 42.20 -8.62
C LEU A 130 -33.11 42.56 -7.40
N LYS A 131 -33.38 41.91 -6.27
CA LYS A 131 -32.61 42.17 -5.06
C LYS A 131 -31.17 41.88 -5.41
N SER A 132 -30.97 40.83 -6.19
CA SER A 132 -29.66 40.39 -6.62
C SER A 132 -28.87 41.49 -7.32
N GLY A 133 -29.51 42.18 -8.26
CA GLY A 133 -28.84 43.23 -8.97
C GLY A 133 -28.86 43.04 -10.49
N THR A 134 -29.66 42.09 -10.95
CA THR A 134 -29.80 41.80 -12.37
C THR A 134 -31.28 41.53 -12.64
N ALA A 135 -31.72 41.79 -13.87
CA ALA A 135 -33.12 41.59 -14.24
C ALA A 135 -33.21 40.77 -15.52
N SER A 136 -34.09 39.77 -15.53
CA SER A 136 -34.26 38.92 -16.70
C SER A 136 -35.69 39.00 -17.21
N VAL A 137 -35.87 39.52 -18.41
CA VAL A 137 -37.19 39.59 -18.98
C VAL A 137 -37.31 38.37 -19.90
N VAL A 138 -38.40 37.63 -19.77
CA VAL A 138 -38.58 36.44 -20.58
C VAL A 138 -39.80 36.48 -21.49
N CYS A 139 -39.60 36.20 -22.76
CA CYS A 139 -40.71 36.15 -23.69
C CYS A 139 -40.89 34.71 -24.14
N LEU A 140 -42.15 34.27 -24.18
CA LEU A 140 -42.47 32.91 -24.55
C LEU A 140 -43.36 32.79 -25.78
N LEU A 141 -42.87 32.10 -26.80
CA LEU A 141 -43.64 31.86 -28.02
C LEU A 141 -44.01 30.40 -27.85
N ASN A 142 -45.27 30.14 -27.51
CA ASN A 142 -45.71 28.78 -27.26
C ASN A 142 -46.45 28.06 -28.37
N ASN A 143 -46.16 26.77 -28.49
CA ASN A 143 -46.76 25.85 -29.47
C ASN A 143 -47.10 26.44 -30.82
N PHE A 144 -46.10 26.56 -31.68
CA PHE A 144 -46.28 27.10 -33.01
C PHE A 144 -45.65 26.20 -34.09
N TYR A 145 -45.85 26.56 -35.35
CA TYR A 145 -45.29 25.82 -36.47
C TYR A 145 -45.46 26.59 -37.77
N PRO A 146 -44.44 26.56 -38.65
CA PRO A 146 -43.14 25.89 -38.59
C PRO A 146 -42.19 26.38 -37.49
N ARG A 147 -40.94 25.95 -37.60
CA ARG A 147 -39.93 26.30 -36.62
C ARG A 147 -39.48 27.76 -36.65
N GLU A 148 -39.37 28.34 -37.84
CA GLU A 148 -38.91 29.73 -38.01
C GLU A 148 -39.78 30.75 -37.26
N ALA A 149 -39.13 31.65 -36.55
CA ALA A 149 -39.86 32.66 -35.80
C ALA A 149 -38.94 33.76 -35.27
N LYS A 150 -39.26 35.01 -35.60
CA LYS A 150 -38.47 36.15 -35.16
C LYS A 150 -38.98 36.76 -33.85
N VAL A 151 -38.07 37.35 -33.07
CA VAL A 151 -38.40 37.98 -31.81
C VAL A 151 -37.51 39.21 -31.60
N GLN A 152 -38.13 40.37 -31.40
CA GLN A 152 -37.38 41.60 -31.15
C GLN A 152 -37.82 42.30 -29.88
N TRP A 153 -36.83 42.74 -29.10
CA TRP A 153 -37.12 43.44 -27.85
C TRP A 153 -37.07 44.95 -28.08
N LYS A 154 -37.94 45.67 -27.36
CA LYS A 154 -38.01 47.12 -27.46
C LYS A 154 -38.23 47.72 -26.09
N VAL A 155 -37.16 48.29 -25.52
CA VAL A 155 -37.24 48.92 -24.22
C VAL A 155 -37.50 50.41 -24.48
N ASP A 156 -38.76 50.82 -24.37
CA ASP A 156 -39.15 52.20 -24.63
C ASP A 156 -39.08 52.46 -26.13
N ASN A 157 -39.70 51.57 -26.90
CA ASN A 157 -39.72 51.67 -28.36
C ASN A 157 -38.35 51.56 -29.01
N ALA A 158 -37.31 51.39 -28.19
CA ALA A 158 -35.95 51.26 -28.71
C ALA A 158 -35.64 49.79 -28.99
N LEU A 159 -35.16 49.49 -30.19
CA LEU A 159 -34.82 48.12 -30.55
C LEU A 159 -33.59 47.71 -29.75
N GLN A 160 -33.41 46.41 -29.55
CA GLN A 160 -32.26 45.90 -28.79
C GLN A 160 -31.52 44.85 -29.60
N SER A 161 -30.29 44.54 -29.18
CA SER A 161 -29.52 43.53 -29.89
C SER A 161 -28.31 43.09 -29.09
N GLY A 162 -27.93 41.83 -29.25
CA GLY A 162 -26.78 41.30 -28.56
C GLY A 162 -26.86 41.37 -27.05
N ASN A 163 -28.07 41.29 -26.51
CA ASN A 163 -28.25 41.32 -25.07
C ASN A 163 -29.38 40.38 -24.71
N SER A 164 -29.66 39.46 -25.62
CA SER A 164 -30.71 38.48 -25.47
C SER A 164 -30.41 37.21 -26.27
N GLN A 165 -30.77 36.04 -25.71
CA GLN A 165 -30.56 34.75 -26.39
C GLN A 165 -31.79 33.84 -26.31
N GLU A 166 -31.99 33.03 -27.33
CA GLU A 166 -33.16 32.16 -27.38
C GLU A 166 -32.86 30.67 -27.20
N SER A 167 -33.92 29.89 -27.07
CA SER A 167 -33.81 28.45 -26.87
C SER A 167 -35.10 27.82 -27.39
N VAL A 168 -34.96 26.89 -28.33
CA VAL A 168 -36.12 26.21 -28.90
C VAL A 168 -36.22 24.77 -28.43
N THR A 169 -37.43 24.33 -28.13
CA THR A 169 -37.64 22.95 -27.69
C THR A 169 -37.62 22.07 -28.94
N GLU A 170 -37.72 20.76 -28.74
CA GLU A 170 -37.74 19.84 -29.87
C GLU A 170 -39.19 19.58 -30.18
N GLN A 171 -39.47 19.22 -31.44
CA GLN A 171 -40.84 18.98 -31.87
C GLN A 171 -41.59 18.11 -30.88
N ASP A 172 -42.80 18.55 -30.52
CA ASP A 172 -43.63 17.83 -29.56
C ASP A 172 -44.22 16.57 -30.17
N SER A 173 -44.05 15.45 -29.49
CA SER A 173 -44.56 14.16 -29.96
C SER A 173 -46.08 14.15 -30.02
N LYS A 174 -46.71 15.13 -29.37
CA LYS A 174 -48.16 15.22 -29.35
C LYS A 174 -48.68 15.91 -30.60
N ASP A 175 -48.68 17.24 -30.57
CA ASP A 175 -49.18 18.06 -31.68
C ASP A 175 -48.12 18.45 -32.72
N SER A 176 -46.90 17.94 -32.56
CA SER A 176 -45.81 18.25 -33.47
C SER A 176 -45.60 19.74 -33.73
N THR A 177 -45.47 20.51 -32.65
CA THR A 177 -45.23 21.95 -32.74
C THR A 177 -43.95 22.30 -31.99
N TYR A 178 -43.54 23.57 -32.06
CA TYR A 178 -42.34 24.02 -31.37
C TYR A 178 -42.68 25.08 -30.35
N SER A 179 -41.72 25.40 -29.49
CA SER A 179 -41.87 26.44 -28.47
C SER A 179 -40.52 27.11 -28.34
N LEU A 180 -40.53 28.40 -28.08
CA LEU A 180 -39.29 29.12 -27.97
C LEU A 180 -39.34 30.07 -26.79
N SER A 181 -38.19 30.30 -26.17
CA SER A 181 -38.09 31.21 -25.04
C SER A 181 -37.00 32.20 -25.37
N SER A 182 -37.24 33.47 -25.08
CA SER A 182 -36.26 34.50 -25.33
C SER A 182 -36.04 35.17 -23.99
N THR A 183 -34.79 35.51 -23.68
CA THR A 183 -34.52 36.15 -22.41
C THR A 183 -33.67 37.41 -22.59
N LEU A 184 -34.27 38.54 -22.27
CA LEU A 184 -33.62 39.84 -22.36
C LEU A 184 -32.93 40.08 -21.02
N THR A 185 -31.61 40.25 -21.05
CA THR A 185 -30.86 40.44 -19.83
C THR A 185 -30.32 41.86 -19.70
N LEU A 186 -30.63 42.51 -18.58
CA LEU A 186 -30.18 43.87 -18.31
C LEU A 186 -29.82 44.02 -16.82
N SER A 187 -28.96 44.98 -16.50
CA SER A 187 -28.55 45.22 -15.12
C SER A 187 -29.69 45.89 -14.37
N LYS A 188 -29.84 45.56 -13.09
CA LYS A 188 -30.88 46.14 -12.26
C LYS A 188 -31.00 47.64 -12.49
N ALA A 189 -29.84 48.29 -12.64
CA ALA A 189 -29.78 49.73 -12.88
C ALA A 189 -30.58 50.13 -14.11
N ASP A 190 -30.00 49.86 -15.27
CA ASP A 190 -30.62 50.19 -16.56
C ASP A 190 -32.10 49.80 -16.62
N TYR A 191 -32.49 48.76 -15.87
CA TYR A 191 -33.89 48.34 -15.87
C TYR A 191 -34.73 49.40 -15.17
N GLU A 192 -34.17 50.00 -14.13
CA GLU A 192 -34.85 51.05 -13.37
C GLU A 192 -35.00 52.27 -14.26
N LYS A 193 -34.01 52.43 -15.15
CA LYS A 193 -33.92 53.54 -16.08
C LYS A 193 -34.96 53.60 -17.21
N HIS A 194 -35.73 52.54 -17.42
CA HIS A 194 -36.74 52.52 -18.48
C HIS A 194 -38.16 52.17 -18.03
N LYS A 195 -39.14 52.34 -18.92
CA LYS A 195 -40.54 52.09 -18.57
C LYS A 195 -41.31 51.02 -19.33
N VAL A 196 -41.22 51.04 -20.66
CA VAL A 196 -41.95 50.05 -21.47
C VAL A 196 -41.09 48.92 -22.03
N TYR A 197 -41.44 47.70 -21.68
CA TYR A 197 -40.73 46.51 -22.13
C TYR A 197 -41.65 45.71 -23.03
N ALA A 198 -41.27 45.56 -24.30
CA ALA A 198 -42.12 44.83 -25.22
C ALA A 198 -41.41 43.73 -25.97
N CYS A 199 -42.20 42.73 -26.33
CA CYS A 199 -41.72 41.58 -27.06
C CYS A 199 -42.55 41.51 -28.34
N GLU A 200 -41.89 41.61 -29.50
CA GLU A 200 -42.64 41.57 -30.76
C GLU A 200 -42.30 40.35 -31.60
N VAL A 201 -43.26 39.44 -31.69
CA VAL A 201 -43.11 38.18 -32.42
C VAL A 201 -43.67 38.17 -33.87
N THR A 202 -42.85 37.65 -34.79
CA THR A 202 -43.20 37.56 -36.20
C THR A 202 -43.22 36.08 -36.61
N HIS A 203 -44.29 35.64 -37.24
CA HIS A 203 -44.37 34.25 -37.67
C HIS A 203 -45.25 34.13 -38.91
N GLN A 204 -45.03 33.06 -39.66
CA GLN A 204 -45.80 32.83 -40.87
C GLN A 204 -47.29 32.74 -40.53
N GLY A 205 -47.59 32.12 -39.40
CA GLY A 205 -48.97 31.97 -38.97
C GLY A 205 -49.62 33.28 -38.56
N LEU A 206 -48.82 34.35 -38.46
CA LEU A 206 -49.37 35.66 -38.08
C LEU A 206 -49.52 36.56 -39.30
N SER A 207 -50.67 37.22 -39.42
CA SER A 207 -50.91 38.13 -40.53
C SER A 207 -50.34 39.50 -40.17
N SER A 208 -50.37 39.83 -38.88
CA SER A 208 -49.86 41.09 -38.36
C SER A 208 -49.06 40.81 -37.08
N PRO A 209 -47.78 41.23 -37.04
CA PRO A 209 -46.93 41.01 -35.86
C PRO A 209 -47.66 41.22 -34.52
N VAL A 210 -47.51 40.26 -33.59
CA VAL A 210 -48.17 40.39 -32.29
C VAL A 210 -47.16 40.93 -31.28
N THR A 211 -47.67 41.69 -30.31
CA THR A 211 -46.82 42.30 -29.30
C THR A 211 -47.36 42.14 -27.90
N LYS A 212 -46.44 41.93 -26.96
CA LYS A 212 -46.77 41.79 -25.55
C LYS A 212 -45.82 42.73 -24.85
N SER A 213 -46.35 43.50 -23.91
CA SER A 213 -45.56 44.46 -23.16
C SER A 213 -46.08 44.71 -21.75
N PHE A 214 -45.35 45.53 -20.99
CA PHE A 214 -45.72 45.87 -19.63
C PHE A 214 -44.94 47.10 -19.16
N ASN A 215 -45.55 47.90 -18.28
CA ASN A 215 -44.94 49.14 -17.81
C ASN A 215 -44.43 49.14 -16.37
N ARG A 216 -43.17 48.78 -16.16
CA ARG A 216 -42.63 48.82 -14.80
C ARG A 216 -41.12 48.82 -14.83
N GLY A 217 -40.52 49.54 -13.89
CA GLY A 217 -39.08 49.63 -13.80
C GLY A 217 -38.67 51.09 -13.77
N GLN B 1 -38.28 -6.32 -15.15
CA GLN B 1 -37.35 -7.46 -15.38
C GLN B 1 -35.95 -6.95 -15.68
N VAL B 2 -35.61 -6.79 -16.96
CA VAL B 2 -34.27 -6.30 -17.29
C VAL B 2 -34.07 -4.85 -16.84
N GLN B 3 -32.96 -4.62 -16.13
CA GLN B 3 -32.65 -3.29 -15.64
C GLN B 3 -31.17 -2.95 -15.75
N LEU B 4 -30.88 -1.81 -16.36
CA LEU B 4 -29.53 -1.33 -16.57
C LEU B 4 -29.49 0.11 -16.07
N VAL B 5 -28.80 0.33 -14.97
CA VAL B 5 -28.69 1.65 -14.40
C VAL B 5 -27.23 2.01 -14.24
N GLU B 6 -26.79 3.06 -14.93
CA GLU B 6 -25.40 3.48 -14.84
C GLU B 6 -25.25 4.69 -13.90
N SER B 7 -24.02 4.98 -13.49
CA SER B 7 -23.76 6.10 -12.61
C SER B 7 -22.28 6.41 -12.56
N GLY B 8 -21.92 7.39 -11.74
CA GLY B 8 -20.52 7.76 -11.63
C GLY B 8 -20.20 8.97 -12.48
N GLY B 9 -21.20 9.43 -13.24
CA GLY B 9 -20.98 10.59 -14.08
C GLY B 9 -20.84 11.84 -13.24
N GLY B 10 -20.49 12.95 -13.86
CA GLY B 10 -20.32 14.17 -13.12
C GLY B 10 -19.22 15.04 -13.66
N LEU B 11 -18.86 16.08 -12.91
CA LEU B 11 -17.83 17.00 -13.36
C LEU B 11 -16.45 16.47 -13.01
N VAL B 12 -15.48 16.72 -13.88
CA VAL B 12 -14.11 16.27 -13.65
C VAL B 12 -13.12 17.18 -14.35
N GLN B 13 -11.99 17.42 -13.71
CA GLN B 13 -10.93 18.28 -14.26
C GLN B 13 -10.25 17.69 -15.50
N PRO B 14 -9.90 18.55 -16.48
CA PRO B 14 -9.25 18.05 -17.69
C PRO B 14 -7.95 17.35 -17.36
N GLY B 15 -7.81 16.11 -17.85
CA GLY B 15 -6.61 15.33 -17.60
C GLY B 15 -6.77 14.27 -16.52
N GLY B 16 -7.88 14.32 -15.81
CA GLY B 16 -8.13 13.38 -14.74
C GLY B 16 -8.86 12.11 -15.14
N SER B 17 -9.25 11.34 -14.12
CA SER B 17 -9.96 10.07 -14.32
C SER B 17 -11.32 10.03 -13.65
N LEU B 18 -12.13 9.09 -14.10
CA LEU B 18 -13.49 8.93 -13.60
C LEU B 18 -13.98 7.57 -14.09
N ARG B 19 -14.36 6.70 -13.16
CA ARG B 19 -14.86 5.38 -13.53
C ARG B 19 -16.39 5.34 -13.47
N LEU B 20 -17.00 4.85 -14.53
CA LEU B 20 -18.45 4.75 -14.58
C LEU B 20 -18.82 3.32 -14.29
N SER B 21 -20.05 3.11 -13.83
CA SER B 21 -20.55 1.78 -13.51
C SER B 21 -21.97 1.64 -14.05
N CYS B 22 -22.36 0.40 -14.35
CA CYS B 22 -23.68 0.12 -14.90
C CYS B 22 -24.21 -1.08 -14.15
N ALA B 23 -25.29 -0.89 -13.40
CA ALA B 23 -25.89 -1.96 -12.62
C ALA B 23 -26.95 -2.70 -13.43
N THR B 24 -26.85 -4.03 -13.48
CA THR B 24 -27.82 -4.82 -14.21
C THR B 24 -28.56 -5.74 -13.27
N SER B 25 -29.71 -6.23 -13.73
CA SER B 25 -30.54 -7.16 -12.96
C SER B 25 -31.67 -7.61 -13.88
N GLY B 26 -32.05 -8.87 -13.78
CA GLY B 26 -33.12 -9.36 -14.62
C GLY B 26 -32.72 -10.30 -15.74
N PHE B 27 -31.51 -10.82 -15.69
CA PHE B 27 -31.04 -11.74 -16.72
C PHE B 27 -29.66 -12.27 -16.33
N THR B 28 -29.22 -13.33 -17.01
CA THR B 28 -27.93 -13.90 -16.71
C THR B 28 -26.84 -13.00 -17.30
N PHE B 29 -26.31 -12.15 -16.43
CA PHE B 29 -25.28 -11.18 -16.77
C PHE B 29 -24.11 -11.75 -17.59
N THR B 30 -23.63 -12.95 -17.25
CA THR B 30 -22.49 -13.52 -17.95
C THR B 30 -22.73 -14.13 -19.35
N ASP B 31 -23.98 -14.17 -19.78
CA ASP B 31 -24.27 -14.70 -21.11
C ASP B 31 -24.16 -13.61 -22.17
N TYR B 32 -24.14 -12.34 -21.75
CA TYR B 32 -24.08 -11.22 -22.70
C TYR B 32 -22.81 -10.39 -22.77
N TYR B 33 -22.67 -9.71 -23.90
CA TYR B 33 -21.56 -8.78 -24.13
C TYR B 33 -22.10 -7.48 -23.57
N MET B 34 -21.26 -6.70 -22.91
CA MET B 34 -21.70 -5.43 -22.36
C MET B 34 -21.05 -4.28 -23.10
N SER B 35 -21.89 -3.39 -23.66
CA SER B 35 -21.43 -2.23 -24.44
C SER B 35 -21.55 -0.88 -23.76
N TRP B 36 -20.64 0.03 -24.14
CA TRP B 36 -20.59 1.40 -23.64
C TRP B 36 -20.69 2.30 -24.87
N VAL B 37 -21.62 3.25 -24.84
CA VAL B 37 -21.84 4.18 -25.95
C VAL B 37 -22.13 5.59 -25.44
N ARG B 38 -21.38 6.57 -25.91
CA ARG B 38 -21.58 7.93 -25.47
C ARG B 38 -22.19 8.83 -26.54
N GLN B 39 -22.76 9.96 -26.11
CA GLN B 39 -23.38 10.88 -27.03
C GLN B 39 -23.26 12.32 -26.54
N PRO B 40 -22.41 13.12 -27.19
CA PRO B 40 -22.24 14.51 -26.79
C PRO B 40 -23.57 15.24 -26.98
N PRO B 41 -23.84 16.25 -26.15
CA PRO B 41 -25.09 17.00 -26.28
C PRO B 41 -25.37 17.49 -27.70
N GLY B 42 -26.43 16.95 -28.30
CA GLY B 42 -26.80 17.37 -29.64
C GLY B 42 -26.12 16.68 -30.80
N LYS B 43 -25.19 15.76 -30.52
CA LYS B 43 -24.51 15.07 -31.60
C LYS B 43 -24.89 13.59 -31.73
N ALA B 44 -24.22 12.89 -32.63
CA ALA B 44 -24.53 11.48 -32.87
C ALA B 44 -23.96 10.52 -31.83
N LEU B 45 -24.49 9.29 -31.85
CA LEU B 45 -24.05 8.23 -30.95
C LEU B 45 -22.66 7.78 -31.39
N GLU B 46 -21.80 7.41 -30.44
CA GLU B 46 -20.45 6.96 -30.76
C GLU B 46 -20.09 5.66 -30.02
N TRP B 47 -20.06 4.54 -30.72
CA TRP B 47 -19.74 3.27 -30.08
C TRP B 47 -18.35 3.39 -29.44
N LEU B 48 -18.25 3.02 -28.17
CA LEU B 48 -16.95 3.13 -27.48
C LEU B 48 -16.23 1.80 -27.38
N GLY B 49 -16.97 0.74 -27.11
CA GLY B 49 -16.34 -0.56 -26.98
C GLY B 49 -17.19 -1.48 -26.16
N PHE B 50 -16.82 -2.76 -26.11
CA PHE B 50 -17.57 -3.73 -25.32
C PHE B 50 -16.67 -4.79 -24.77
N ILE B 51 -17.27 -5.68 -23.99
CA ILE B 51 -16.58 -6.80 -23.37
C ILE B 51 -17.45 -8.01 -23.66
N ARG B 52 -16.84 -9.03 -24.26
CA ARG B 52 -17.56 -10.25 -24.64
C ARG B 52 -18.04 -11.04 -23.44
N ASN B 53 -19.02 -11.90 -23.64
CA ASN B 53 -19.57 -12.71 -22.57
C ASN B 53 -18.55 -13.73 -22.04
N LYS B 54 -18.98 -14.63 -21.17
CA LYS B 54 -18.09 -15.62 -20.60
C LYS B 54 -17.62 -16.62 -21.66
N ALA B 55 -18.55 -17.02 -22.52
CA ALA B 55 -18.25 -17.97 -23.58
C ALA B 55 -17.04 -17.54 -24.42
N ASN B 56 -16.69 -16.26 -24.33
CA ASN B 56 -15.56 -15.73 -25.10
C ASN B 56 -14.42 -15.15 -24.28
N GLY B 57 -14.26 -15.66 -23.06
CA GLY B 57 -13.18 -15.18 -22.21
C GLY B 57 -13.28 -13.72 -21.82
N TYR B 58 -14.49 -13.16 -21.81
CA TYR B 58 -14.70 -11.77 -21.45
C TYR B 58 -13.69 -10.83 -22.10
N THR B 59 -13.38 -11.04 -23.37
CA THR B 59 -12.41 -10.18 -24.04
C THR B 59 -12.99 -8.80 -24.40
N THR B 60 -12.13 -7.78 -24.40
CA THR B 60 -12.58 -6.41 -24.68
C THR B 60 -12.17 -5.87 -26.04
N GLU B 61 -13.00 -4.97 -26.56
CA GLU B 61 -12.78 -4.31 -27.84
C GLU B 61 -13.09 -2.85 -27.61
N TYR B 62 -12.26 -1.97 -28.15
CA TYR B 62 -12.46 -0.53 -27.98
C TYR B 62 -12.49 0.19 -29.32
N SER B 63 -13.02 1.41 -29.31
CA SER B 63 -13.08 2.21 -30.52
C SER B 63 -11.76 2.97 -30.58
N ALA B 64 -11.14 2.96 -31.76
CA ALA B 64 -9.87 3.63 -31.97
C ALA B 64 -9.83 4.98 -31.24
N SER B 65 -10.96 5.68 -31.22
CA SER B 65 -11.04 6.99 -30.57
C SER B 65 -10.71 7.01 -29.09
N VAL B 66 -10.90 5.86 -28.40
CA VAL B 66 -10.61 5.79 -26.97
C VAL B 66 -9.66 4.67 -26.55
N LYS B 67 -9.36 3.75 -27.47
CA LYS B 67 -8.46 2.63 -27.15
C LYS B 67 -7.22 3.05 -26.35
N GLY B 68 -6.81 2.22 -25.39
CA GLY B 68 -5.63 2.53 -24.59
C GLY B 68 -5.85 3.60 -23.53
N ARG B 69 -6.81 4.49 -23.77
CA ARG B 69 -7.12 5.54 -22.82
C ARG B 69 -8.31 5.10 -21.94
N PHE B 70 -9.19 4.28 -22.53
CA PHE B 70 -10.36 3.76 -21.82
C PHE B 70 -10.25 2.26 -21.63
N THR B 71 -10.85 1.77 -20.54
CA THR B 71 -10.86 0.34 -20.21
C THR B 71 -12.25 -0.07 -19.74
N ILE B 72 -12.62 -1.30 -20.07
CA ILE B 72 -13.91 -1.86 -19.69
C ILE B 72 -13.63 -3.14 -18.92
N SER B 73 -14.52 -3.49 -18.00
CA SER B 73 -14.37 -4.70 -17.20
C SER B 73 -15.73 -5.11 -16.66
N ARG B 74 -15.76 -6.15 -15.83
CA ARG B 74 -17.03 -6.61 -15.28
C ARG B 74 -16.90 -7.46 -14.04
N ASP B 75 -17.80 -7.22 -13.08
CA ASP B 75 -17.86 -7.99 -11.84
C ASP B 75 -19.04 -8.93 -12.05
N ASN B 76 -18.76 -10.21 -12.22
CA ASN B 76 -19.82 -11.17 -12.46
C ASN B 76 -20.58 -11.63 -11.21
N SER B 77 -19.90 -11.70 -10.08
CA SER B 77 -20.56 -12.10 -8.84
C SER B 77 -21.52 -11.01 -8.40
N GLN B 78 -21.52 -9.90 -9.13
CA GLN B 78 -22.38 -8.76 -8.84
C GLN B 78 -23.10 -8.21 -10.05
N SER B 79 -22.78 -8.75 -11.22
CA SER B 79 -23.42 -8.31 -12.46
C SER B 79 -23.30 -6.80 -12.71
N ILE B 80 -22.09 -6.26 -12.54
CA ILE B 80 -21.83 -4.85 -12.74
C ILE B 80 -20.88 -4.60 -13.91
N LEU B 81 -21.18 -3.58 -14.70
CA LEU B 81 -20.34 -3.21 -15.83
C LEU B 81 -19.58 -1.95 -15.49
N TYR B 82 -18.30 -1.90 -15.87
CA TYR B 82 -17.44 -0.76 -15.59
C TYR B 82 -16.82 -0.09 -16.82
N LEU B 83 -16.48 1.18 -16.69
CA LEU B 83 -15.82 1.94 -17.75
C LEU B 83 -14.87 2.89 -17.04
N GLN B 84 -13.57 2.62 -17.17
CA GLN B 84 -12.54 3.45 -16.57
C GLN B 84 -12.02 4.39 -17.64
N MET B 85 -12.05 5.69 -17.38
CA MET B 85 -11.60 6.70 -18.34
C MET B 85 -10.41 7.49 -17.81
N ASN B 86 -9.48 7.83 -18.69
CA ASN B 86 -8.29 8.57 -18.27
C ASN B 86 -7.84 9.70 -19.19
N THR B 87 -7.14 10.67 -18.59
CA THR B 87 -6.62 11.83 -19.31
C THR B 87 -7.75 12.45 -20.14
N LEU B 88 -8.93 12.48 -19.54
CA LEU B 88 -10.11 13.03 -20.20
C LEU B 88 -9.86 14.43 -20.75
N ARG B 89 -10.50 14.71 -21.87
CA ARG B 89 -10.42 16.00 -22.55
C ARG B 89 -11.83 16.56 -22.55
N ALA B 90 -11.96 17.84 -22.91
CA ALA B 90 -13.26 18.51 -22.96
C ALA B 90 -14.25 17.81 -23.88
N GLU B 91 -13.74 17.26 -24.97
CA GLU B 91 -14.60 16.58 -25.93
C GLU B 91 -15.22 15.30 -25.39
N ASP B 92 -14.56 14.65 -24.43
CA ASP B 92 -15.10 13.44 -23.84
C ASP B 92 -16.40 13.75 -23.11
N SER B 93 -16.74 15.03 -23.00
CA SER B 93 -17.98 15.43 -22.32
C SER B 93 -19.20 14.92 -23.09
N ALA B 94 -19.99 14.06 -22.45
CA ALA B 94 -21.16 13.50 -23.08
C ALA B 94 -21.96 12.63 -22.11
N THR B 95 -23.07 12.08 -22.59
CA THR B 95 -23.92 11.20 -21.79
C THR B 95 -23.50 9.79 -22.16
N TYR B 96 -23.15 8.98 -21.17
CA TYR B 96 -22.72 7.61 -21.43
C TYR B 96 -23.80 6.59 -21.13
N TYR B 97 -23.95 5.62 -22.04
CA TYR B 97 -24.95 4.57 -21.91
C TYR B 97 -24.30 3.21 -21.90
N CYS B 98 -25.02 2.25 -21.35
CA CYS B 98 -24.54 0.88 -21.35
C CYS B 98 -25.70 0.10 -21.91
N ALA B 99 -25.40 -1.07 -22.46
CA ALA B 99 -26.41 -1.91 -23.02
C ALA B 99 -25.87 -3.32 -23.02
N ARG B 100 -26.75 -4.28 -23.22
CA ARG B 100 -26.34 -5.67 -23.27
C ARG B 100 -26.47 -6.06 -24.72
N ASP B 101 -25.65 -7.00 -25.15
CA ASP B 101 -25.68 -7.46 -26.53
C ASP B 101 -25.78 -8.97 -26.61
N GLY B 102 -26.63 -9.46 -27.50
CA GLY B 102 -26.79 -10.90 -27.63
C GLY B 102 -27.69 -11.35 -28.78
N SER B 103 -28.48 -12.37 -28.52
CA SER B 103 -29.39 -12.93 -29.53
C SER B 103 -30.37 -11.89 -30.06
N TYR B 104 -30.32 -10.68 -29.51
CA TYR B 104 -31.22 -9.63 -29.96
C TYR B 104 -30.54 -8.29 -29.97
N ALA B 105 -29.27 -8.29 -30.38
CA ALA B 105 -28.45 -7.08 -30.47
C ALA B 105 -28.51 -6.30 -29.16
N MET B 106 -28.38 -4.97 -29.24
CA MET B 106 -28.43 -4.14 -28.05
C MET B 106 -29.90 -3.83 -27.80
N ASP B 107 -30.62 -4.84 -27.31
CA ASP B 107 -32.04 -4.75 -27.03
C ASP B 107 -32.41 -4.00 -25.75
N TYR B 108 -31.45 -3.82 -24.84
CA TYR B 108 -31.71 -3.09 -23.61
C TYR B 108 -30.65 -2.06 -23.30
N TRP B 109 -31.08 -0.81 -23.15
CA TRP B 109 -30.17 0.30 -22.86
C TRP B 109 -30.46 0.95 -21.51
N GLY B 110 -29.44 1.55 -20.92
CA GLY B 110 -29.61 2.23 -19.66
C GLY B 110 -30.20 3.60 -19.94
N GLN B 111 -30.49 4.35 -18.89
CA GLN B 111 -31.06 5.67 -19.07
C GLN B 111 -29.97 6.73 -19.26
N GLY B 112 -28.72 6.33 -18.99
CA GLY B 112 -27.59 7.24 -19.17
C GLY B 112 -27.06 7.98 -17.94
N THR B 113 -25.80 8.38 -18.03
CA THR B 113 -25.14 9.15 -16.97
C THR B 113 -24.28 10.21 -17.69
N SER B 114 -24.47 11.47 -17.33
CA SER B 114 -23.76 12.59 -17.96
C SER B 114 -22.39 12.95 -17.35
N VAL B 115 -21.45 13.32 -18.21
CA VAL B 115 -20.10 13.68 -17.81
C VAL B 115 -19.68 15.03 -18.41
N THR B 116 -18.90 15.80 -17.64
CA THR B 116 -18.42 17.08 -18.13
C THR B 116 -16.96 17.26 -17.71
N VAL B 117 -16.14 17.72 -18.65
CA VAL B 117 -14.73 17.94 -18.40
C VAL B 117 -14.51 19.45 -18.43
N SER B 118 -14.23 20.02 -17.26
CA SER B 118 -14.01 21.46 -17.17
C SER B 118 -13.18 21.85 -15.95
N SER B 119 -12.48 22.97 -16.10
CA SER B 119 -11.64 23.50 -15.04
C SER B 119 -12.53 24.34 -14.12
N ALA B 120 -13.71 24.68 -14.62
CA ALA B 120 -14.67 25.46 -13.85
C ALA B 120 -15.26 24.63 -12.71
N SER B 121 -15.53 25.27 -11.58
CA SER B 121 -16.08 24.58 -10.41
C SER B 121 -17.59 24.45 -10.40
N THR B 122 -18.10 23.59 -9.52
CA THR B 122 -19.55 23.38 -9.43
C THR B 122 -20.25 24.64 -8.94
N LYS B 123 -21.54 24.72 -9.18
CA LYS B 123 -22.34 25.89 -8.77
C LYS B 123 -23.84 25.57 -8.84
N GLY B 124 -24.52 25.74 -7.71
CA GLY B 124 -25.94 25.48 -7.65
C GLY B 124 -26.68 26.67 -8.23
N PRO B 125 -27.85 26.46 -8.83
CA PRO B 125 -28.63 27.55 -9.43
C PRO B 125 -29.53 28.29 -8.46
N SER B 126 -30.14 29.36 -8.94
CA SER B 126 -31.08 30.17 -8.15
C SER B 126 -32.36 30.05 -8.94
N VAL B 127 -33.48 29.84 -8.27
CA VAL B 127 -34.75 29.71 -8.99
C VAL B 127 -35.71 30.85 -8.73
N PHE B 128 -36.08 31.56 -9.80
CA PHE B 128 -37.01 32.67 -9.68
C PHE B 128 -38.29 32.25 -10.36
N PRO B 129 -39.39 32.94 -10.07
CA PRO B 129 -40.68 32.62 -10.67
C PRO B 129 -41.02 33.40 -11.92
N LEU B 130 -41.70 32.73 -12.85
CA LEU B 130 -42.17 33.38 -14.07
C LEU B 130 -43.66 33.47 -13.78
N ALA B 131 -43.96 34.32 -12.81
CA ALA B 131 -45.31 34.54 -12.33
C ALA B 131 -46.32 34.90 -13.39
N PRO B 132 -47.52 34.31 -13.30
CA PRO B 132 -48.61 34.55 -14.24
C PRO B 132 -48.92 36.03 -14.26
N SER B 133 -48.18 36.76 -15.09
CA SER B 133 -48.35 38.21 -15.22
C SER B 133 -49.77 38.61 -14.85
N SER B 134 -49.90 39.22 -13.68
CA SER B 134 -51.18 39.67 -13.12
C SER B 134 -52.28 39.90 -14.17
N LYS B 135 -52.22 41.03 -14.86
CA LYS B 135 -53.20 41.35 -15.89
C LYS B 135 -52.96 40.49 -17.13
N SER B 136 -52.87 39.17 -16.94
CA SER B 136 -52.65 38.23 -18.03
C SER B 136 -53.44 38.66 -19.27
N THR B 137 -52.77 39.40 -20.15
CA THR B 137 -53.34 39.93 -21.38
C THR B 137 -54.36 39.01 -22.03
N SER B 138 -55.23 39.61 -22.84
CA SER B 138 -56.27 38.90 -23.57
C SER B 138 -56.04 37.38 -23.63
N GLY B 139 -56.61 36.67 -22.65
CA GLY B 139 -56.44 35.22 -22.62
C GLY B 139 -57.11 34.50 -21.47
N GLY B 140 -57.80 33.41 -21.80
CA GLY B 140 -58.45 32.59 -20.79
C GLY B 140 -57.43 31.56 -20.33
N THR B 141 -56.35 31.46 -21.10
CA THR B 141 -55.25 30.55 -20.80
C THR B 141 -54.01 31.33 -20.39
N ALA B 142 -53.46 30.99 -19.22
CA ALA B 142 -52.29 31.67 -18.69
C ALA B 142 -51.02 30.82 -18.77
N ALA B 143 -49.88 31.50 -18.72
CA ALA B 143 -48.59 30.81 -18.75
C ALA B 143 -47.76 31.23 -17.55
N LEU B 144 -47.09 30.25 -16.95
CA LEU B 144 -46.24 30.53 -15.79
C LEU B 144 -45.13 29.50 -15.75
N GLY B 145 -44.05 29.80 -15.03
CA GLY B 145 -42.95 28.87 -14.94
C GLY B 145 -41.86 29.25 -13.97
N CYS B 146 -40.68 28.66 -14.14
CA CYS B 146 -39.57 28.96 -13.26
C CYS B 146 -38.33 29.22 -14.08
N LEU B 147 -37.48 30.09 -13.56
CA LEU B 147 -36.25 30.43 -14.25
C LEU B 147 -35.07 29.87 -13.46
N VAL B 148 -34.45 28.79 -13.96
CA VAL B 148 -33.31 28.19 -13.28
C VAL B 148 -32.08 28.87 -13.87
N LYS B 149 -31.45 29.74 -13.08
CA LYS B 149 -30.33 30.51 -13.58
C LYS B 149 -29.01 30.41 -12.82
N ASP B 150 -27.93 30.55 -13.58
CA ASP B 150 -26.56 30.53 -13.07
C ASP B 150 -26.05 29.28 -12.37
N TYR B 151 -26.04 28.16 -13.09
CA TYR B 151 -25.57 26.90 -12.53
C TYR B 151 -24.49 26.27 -13.40
N PHE B 152 -23.76 25.32 -12.81
CA PHE B 152 -22.71 24.60 -13.52
C PHE B 152 -22.27 23.38 -12.71
N PRO B 153 -22.09 22.23 -13.37
CA PRO B 153 -22.28 22.01 -14.81
C PRO B 153 -23.70 21.53 -15.03
N GLU B 154 -23.93 20.90 -16.19
CA GLU B 154 -25.25 20.36 -16.48
C GLU B 154 -25.30 18.94 -15.94
N PRO B 155 -26.51 18.37 -15.84
CA PRO B 155 -27.79 18.96 -16.20
C PRO B 155 -28.61 19.35 -14.96
N VAL B 156 -29.81 19.86 -15.21
CA VAL B 156 -30.70 20.23 -14.12
C VAL B 156 -32.05 19.62 -14.42
N THR B 157 -32.68 19.04 -13.40
CA THR B 157 -33.97 18.40 -13.51
C THR B 157 -35.07 19.35 -13.07
N VAL B 158 -36.19 19.34 -13.79
CA VAL B 158 -37.31 20.21 -13.44
C VAL B 158 -38.66 19.54 -13.69
N SER B 159 -39.38 19.26 -12.62
CA SER B 159 -40.71 18.66 -12.75
C SER B 159 -41.67 19.63 -12.06
N TRP B 160 -42.96 19.41 -12.24
CA TRP B 160 -43.95 20.26 -11.62
C TRP B 160 -44.88 19.47 -10.68
N ASN B 161 -45.01 19.95 -9.45
CA ASN B 161 -45.83 19.30 -8.44
C ASN B 161 -45.46 17.81 -8.37
N SER B 162 -44.21 17.58 -7.99
CA SER B 162 -43.62 16.25 -7.85
C SER B 162 -43.83 15.29 -9.02
N GLY B 163 -44.16 15.81 -10.19
CA GLY B 163 -44.34 14.94 -11.35
C GLY B 163 -45.77 14.81 -11.81
N ALA B 164 -46.69 15.10 -10.91
CA ALA B 164 -48.11 15.01 -11.22
C ALA B 164 -48.50 15.92 -12.39
N LEU B 165 -47.91 17.11 -12.47
CA LEU B 165 -48.25 18.04 -13.56
C LEU B 165 -47.45 17.70 -14.82
N THR B 166 -48.17 17.45 -15.91
CA THR B 166 -47.55 17.06 -17.17
C THR B 166 -48.11 17.80 -18.40
N SER B 167 -49.37 18.18 -18.35
CA SER B 167 -50.00 18.87 -19.48
C SER B 167 -49.49 20.27 -19.75
N GLY B 168 -49.10 20.50 -21.01
CA GLY B 168 -48.60 21.80 -21.41
C GLY B 168 -47.39 22.23 -20.63
N VAL B 169 -46.44 21.32 -20.50
CA VAL B 169 -45.21 21.58 -19.76
C VAL B 169 -44.06 21.61 -20.74
N HIS B 170 -43.30 22.69 -20.74
CA HIS B 170 -42.16 22.82 -21.63
C HIS B 170 -40.90 23.22 -20.89
N THR B 171 -39.89 22.36 -20.90
CA THR B 171 -38.61 22.69 -20.29
C THR B 171 -37.67 22.94 -21.46
N PHE B 172 -37.04 24.11 -21.47
CA PHE B 172 -36.16 24.45 -22.57
C PHE B 172 -34.72 24.03 -22.40
N PRO B 173 -33.98 23.94 -23.52
CA PRO B 173 -32.57 23.55 -23.51
C PRO B 173 -31.76 24.66 -22.85
N ALA B 174 -30.81 24.27 -22.02
CA ALA B 174 -29.98 25.26 -21.36
C ALA B 174 -29.16 26.02 -22.40
N VAL B 175 -28.82 27.27 -22.07
CA VAL B 175 -28.02 28.12 -22.92
C VAL B 175 -26.84 28.60 -22.08
N LEU B 176 -25.76 29.01 -22.72
CA LEU B 176 -24.59 29.48 -21.99
C LEU B 176 -24.52 30.99 -21.92
N GLN B 177 -24.48 31.51 -20.71
CA GLN B 177 -24.39 32.95 -20.50
C GLN B 177 -22.93 33.41 -20.55
N SER B 178 -22.69 34.62 -21.00
CA SER B 178 -21.33 35.15 -21.11
C SER B 178 -20.49 34.98 -19.83
N SER B 179 -21.13 34.52 -18.76
CA SER B 179 -20.44 34.31 -17.50
C SER B 179 -19.91 32.88 -17.43
N GLY B 180 -20.37 32.05 -18.36
CA GLY B 180 -19.94 30.67 -18.40
C GLY B 180 -20.83 29.83 -17.51
N LEU B 181 -21.98 30.39 -17.17
CA LEU B 181 -22.94 29.71 -16.32
C LEU B 181 -24.18 29.43 -17.13
N TYR B 182 -24.74 28.22 -16.99
CA TYR B 182 -25.94 27.85 -17.73
C TYR B 182 -27.18 28.48 -17.15
N SER B 183 -28.25 28.49 -17.96
CA SER B 183 -29.52 29.06 -17.55
C SER B 183 -30.61 28.42 -18.39
N LEU B 184 -31.80 28.28 -17.80
CA LEU B 184 -32.95 27.69 -18.51
C LEU B 184 -34.26 27.93 -17.78
N SER B 185 -35.34 27.96 -18.57
CA SER B 185 -36.68 28.17 -18.05
C SER B 185 -37.54 26.93 -18.24
N SER B 186 -38.60 26.88 -17.46
CA SER B 186 -39.55 25.78 -17.51
C SER B 186 -40.93 26.44 -17.39
N VAL B 187 -41.77 26.22 -18.38
CA VAL B 187 -43.09 26.82 -18.37
C VAL B 187 -44.19 25.77 -18.40
N VAL B 188 -45.39 26.22 -18.10
CA VAL B 188 -46.56 25.36 -18.11
C VAL B 188 -47.72 26.31 -18.40
N THR B 189 -48.71 25.84 -19.16
CA THR B 189 -49.87 26.65 -19.50
C THR B 189 -51.14 26.05 -18.93
N VAL B 190 -51.94 26.88 -18.27
CA VAL B 190 -53.20 26.42 -17.68
C VAL B 190 -54.28 27.51 -17.74
N PRO B 191 -55.50 27.21 -17.27
CA PRO B 191 -56.61 28.17 -17.28
C PRO B 191 -56.41 29.34 -16.30
N SER B 192 -56.82 30.54 -16.70
CA SER B 192 -56.67 31.73 -15.86
C SER B 192 -57.73 31.77 -14.74
N SER B 193 -58.83 31.05 -14.94
CA SER B 193 -59.91 31.02 -13.97
C SER B 193 -59.43 30.37 -12.67
N SER B 194 -58.54 29.40 -12.81
CA SER B 194 -58.00 28.64 -11.69
C SER B 194 -56.70 29.17 -11.07
N LEU B 195 -56.33 30.41 -11.35
CA LEU B 195 -55.11 30.94 -10.77
C LEU B 195 -55.35 31.31 -9.32
N GLY B 196 -56.39 30.73 -8.74
CA GLY B 196 -56.72 31.02 -7.36
C GLY B 196 -57.06 29.77 -6.57
N THR B 197 -57.46 28.73 -7.28
CA THR B 197 -57.81 27.47 -6.64
C THR B 197 -56.69 26.43 -6.78
N GLN B 198 -55.79 26.67 -7.72
CA GLN B 198 -54.70 25.72 -7.95
C GLN B 198 -53.38 26.15 -7.34
N THR B 199 -52.44 25.22 -7.34
CA THR B 199 -51.10 25.43 -6.80
C THR B 199 -50.11 24.88 -7.81
N TYR B 200 -49.04 25.61 -8.06
CA TYR B 200 -48.04 25.16 -9.01
C TYR B 200 -46.64 25.31 -8.43
N ILE B 201 -45.92 24.20 -8.33
CA ILE B 201 -44.56 24.21 -7.79
C ILE B 201 -43.57 23.44 -8.68
N CYS B 202 -42.48 24.11 -9.06
CA CYS B 202 -41.48 23.48 -9.87
C CYS B 202 -40.43 22.90 -8.92
N ASN B 203 -40.16 21.61 -9.06
CA ASN B 203 -39.18 20.94 -8.21
C ASN B 203 -37.90 20.81 -9.00
N VAL B 204 -36.99 21.75 -8.80
CA VAL B 204 -35.72 21.74 -9.49
C VAL B 204 -34.65 21.02 -8.67
N ASN B 205 -33.89 20.16 -9.33
CA ASN B 205 -32.82 19.42 -8.67
C ASN B 205 -31.59 19.47 -9.57
N HIS B 206 -30.42 19.68 -8.97
CA HIS B 206 -29.19 19.75 -9.73
C HIS B 206 -28.41 18.42 -9.67
N LYS B 207 -27.67 18.21 -8.58
CA LYS B 207 -26.87 17.00 -8.32
C LYS B 207 -25.39 17.30 -8.16
N PRO B 208 -24.75 17.83 -9.20
CA PRO B 208 -23.32 18.12 -9.04
C PRO B 208 -23.03 19.10 -7.90
N SER B 209 -24.09 19.71 -7.36
CA SER B 209 -23.99 20.65 -6.25
C SER B 209 -25.03 20.30 -5.19
N ASN B 210 -25.60 19.11 -5.29
CA ASN B 210 -26.64 18.66 -4.37
C ASN B 210 -27.63 19.75 -3.99
N THR B 211 -28.40 20.20 -4.99
CA THR B 211 -29.36 21.27 -4.80
C THR B 211 -30.78 20.84 -5.13
N LYS B 212 -31.68 21.07 -4.18
CA LYS B 212 -33.08 20.75 -4.38
C LYS B 212 -33.84 22.02 -4.03
N VAL B 213 -34.78 22.40 -4.88
CA VAL B 213 -35.57 23.61 -4.68
C VAL B 213 -36.98 23.39 -5.21
N ASP B 214 -37.95 23.69 -4.38
CA ASP B 214 -39.35 23.55 -4.76
C ASP B 214 -39.95 24.92 -4.59
N LYS B 215 -40.00 25.67 -5.69
CA LYS B 215 -40.53 27.02 -5.69
C LYS B 215 -41.97 27.00 -6.15
N LYS B 216 -42.84 27.62 -5.36
CA LYS B 216 -44.27 27.70 -5.66
C LYS B 216 -44.59 28.99 -6.41
N VAL B 217 -44.86 28.85 -7.71
CA VAL B 217 -45.18 29.97 -8.58
C VAL B 217 -46.56 30.57 -8.24
N GLU B 218 -46.57 31.88 -7.97
CA GLU B 218 -47.81 32.58 -7.62
C GLU B 218 -48.05 33.85 -8.44
N PRO B 219 -49.33 34.19 -8.67
CA PRO B 219 -49.73 35.38 -9.44
C PRO B 219 -49.14 36.68 -8.88
N GLU C 1 47.59 8.67 23.66
CA GLU C 1 48.43 9.21 24.78
C GLU C 1 48.17 8.39 26.03
N LEU C 2 46.98 8.61 26.60
CA LEU C 2 46.56 7.95 27.84
C LEU C 2 46.75 6.43 27.85
N VAL C 3 47.13 5.90 29.00
CA VAL C 3 47.34 4.47 29.17
C VAL C 3 46.72 3.96 30.46
N MET C 4 45.70 3.12 30.33
CA MET C 4 45.04 2.56 31.51
C MET C 4 45.60 1.17 31.80
N THR C 5 46.19 1.00 32.98
CA THR C 5 46.76 -0.29 33.35
C THR C 5 46.07 -0.86 34.58
N GLN C 6 45.48 -2.04 34.41
CA GLN C 6 44.78 -2.71 35.49
C GLN C 6 45.68 -3.75 36.14
N THR C 7 45.33 -4.13 37.37
CA THR C 7 46.09 -5.13 38.11
C THR C 7 45.26 -5.61 39.30
N PRO C 8 45.24 -6.92 39.55
CA PRO C 8 45.96 -7.92 38.75
C PRO C 8 45.25 -8.25 37.45
N LEU C 9 45.90 -9.05 36.61
CA LEU C 9 45.31 -9.46 35.33
C LEU C 9 44.32 -10.58 35.66
N SER C 10 44.62 -11.31 36.73
CA SER C 10 43.76 -12.39 37.19
C SER C 10 43.55 -12.21 38.69
N LEU C 11 42.50 -12.82 39.24
CA LEU C 11 42.22 -12.72 40.67
C LEU C 11 41.39 -13.88 41.22
N PRO C 12 42.04 -14.75 42.01
CA PRO C 12 41.35 -15.90 42.62
C PRO C 12 40.82 -15.50 43.98
N VAL C 13 39.50 -15.48 44.15
CA VAL C 13 38.92 -15.14 45.43
C VAL C 13 38.01 -16.25 45.90
N SER C 14 37.92 -16.42 47.21
CA SER C 14 37.09 -17.46 47.78
C SER C 14 35.70 -16.93 48.04
N LEU C 15 34.71 -17.72 47.64
CA LEU C 15 33.32 -17.38 47.81
C LEU C 15 33.12 -16.75 49.20
N GLY C 16 32.64 -15.52 49.24
CA GLY C 16 32.42 -14.85 50.50
C GLY C 16 33.48 -13.84 50.93
N ASP C 17 34.69 -13.97 50.39
CA ASP C 17 35.78 -13.06 50.72
C ASP C 17 35.61 -11.67 50.13
N GLN C 18 36.66 -10.86 50.20
CA GLN C 18 36.63 -9.51 49.65
C GLN C 18 37.59 -9.42 48.49
N ALA C 19 37.18 -8.74 47.43
CA ALA C 19 38.03 -8.60 46.25
C ALA C 19 38.37 -7.14 45.98
N SER C 20 39.61 -6.89 45.57
CA SER C 20 40.06 -5.54 45.27
C SER C 20 40.79 -5.48 43.93
N ILE C 21 40.56 -4.40 43.18
CA ILE C 21 41.19 -4.22 41.87
C ILE C 21 41.65 -2.77 41.67
N SER C 22 42.76 -2.60 40.97
CA SER C 22 43.28 -1.26 40.71
C SER C 22 43.37 -0.89 39.24
N CYS C 23 43.14 0.39 38.97
CA CYS C 23 43.20 0.93 37.62
C CYS C 23 43.99 2.25 37.71
N ARG C 24 45.20 2.25 37.17
CA ARG C 24 46.07 3.43 37.18
C ARG C 24 46.19 4.07 35.81
N SER C 25 45.88 5.37 35.72
CA SER C 25 45.93 6.10 34.46
C SER C 25 47.31 6.67 34.18
N SER C 26 47.52 7.13 32.94
CA SER C 26 48.79 7.71 32.54
C SER C 26 48.87 9.16 32.98
N GLN C 27 47.70 9.78 33.15
CA GLN C 27 47.62 11.16 33.55
C GLN C 27 46.34 11.37 34.34
N SER C 28 46.25 12.51 35.03
CA SER C 28 45.05 12.82 35.81
C SER C 28 43.88 12.74 34.85
N ILE C 29 42.77 12.17 35.32
CA ILE C 29 41.59 12.04 34.49
C ILE C 29 40.49 12.94 35.06
N VAL C 30 40.91 14.13 35.47
CA VAL C 30 40.01 15.12 36.04
C VAL C 30 39.52 16.07 34.94
N HIS C 31 38.71 15.56 34.02
CA HIS C 31 38.18 16.40 32.94
C HIS C 31 38.15 17.83 33.41
N SER C 32 38.92 18.67 32.74
CA SER C 32 39.02 20.09 33.07
C SER C 32 37.88 20.59 33.95
N ASN C 33 36.83 21.07 33.30
CA ASN C 33 35.67 21.58 34.00
C ASN C 33 34.78 20.49 34.58
N GLY C 34 34.51 20.60 35.88
CA GLY C 34 33.65 19.63 36.53
C GLY C 34 34.33 18.65 37.47
N ASN C 35 34.44 17.40 37.03
CA ASN C 35 35.02 16.36 37.86
C ASN C 35 35.83 15.34 37.06
N THR C 36 35.73 14.07 37.44
CA THR C 36 36.46 13.00 36.77
C THR C 36 35.55 11.83 36.37
N TYR C 37 35.50 11.53 35.08
CA TYR C 37 34.67 10.45 34.56
C TYR C 37 35.46 9.15 34.42
N LEU C 38 35.45 8.35 35.48
CA LEU C 38 36.13 7.07 35.50
C LEU C 38 35.10 5.99 35.82
N GLU C 39 34.78 5.15 34.84
CA GLU C 39 33.79 4.09 35.03
C GLU C 39 34.34 2.67 35.17
N TRP C 40 33.48 1.79 35.69
CA TRP C 40 33.80 0.39 35.88
C TRP C 40 32.72 -0.44 35.18
N TYR C 41 33.14 -1.25 34.22
CA TYR C 41 32.22 -2.11 33.48
C TYR C 41 32.62 -3.55 33.78
N LEU C 42 31.64 -4.45 33.71
CA LEU C 42 31.87 -5.87 33.98
C LEU C 42 31.25 -6.77 32.92
N GLN C 43 32.07 -7.65 32.36
CA GLN C 43 31.58 -8.57 31.35
C GLN C 43 31.56 -10.02 31.86
N LYS C 44 30.38 -10.63 31.82
CA LYS C 44 30.17 -12.00 32.25
C LYS C 44 30.12 -12.89 31.01
N PRO C 45 30.69 -14.11 31.09
CA PRO C 45 30.74 -15.09 30.00
C PRO C 45 29.52 -15.16 29.08
N GLY C 46 29.77 -14.85 27.80
CA GLY C 46 28.73 -14.89 26.79
C GLY C 46 27.78 -13.69 26.78
N GLN C 47 27.98 -12.77 27.70
CA GLN C 47 27.14 -11.59 27.79
C GLN C 47 27.88 -10.41 27.23
N SER C 48 27.24 -9.25 27.28
CA SER C 48 27.83 -8.01 26.80
C SER C 48 28.34 -7.29 28.05
N PRO C 49 29.26 -6.33 27.88
CA PRO C 49 29.76 -5.60 29.04
C PRO C 49 28.56 -4.85 29.63
N LYS C 50 28.62 -4.55 30.93
CA LYS C 50 27.55 -3.84 31.60
C LYS C 50 28.11 -2.82 32.60
N LEU C 51 27.42 -1.69 32.74
CA LEU C 51 27.85 -0.65 33.66
C LEU C 51 27.67 -1.02 35.13
N LEU C 52 28.62 -0.60 35.96
CA LEU C 52 28.56 -0.85 37.39
C LEU C 52 28.69 0.47 38.14
N ILE C 53 29.81 1.17 37.92
CA ILE C 53 30.04 2.44 38.57
C ILE C 53 30.37 3.52 37.55
N TYR C 54 29.64 4.62 37.54
CA TYR C 54 29.94 5.66 36.55
C TYR C 54 30.97 6.72 36.92
N LYS C 55 30.57 7.78 37.61
CA LYS C 55 31.51 8.85 37.92
C LYS C 55 32.84 8.36 38.52
N VAL C 56 32.79 7.72 39.69
CA VAL C 56 33.99 7.21 40.34
C VAL C 56 33.59 6.32 41.49
N SER C 57 32.47 6.68 42.11
CA SER C 57 31.93 5.94 43.25
C SER C 57 30.44 5.79 42.98
N ASN C 58 29.98 6.45 41.93
CA ASN C 58 28.57 6.40 41.57
C ASN C 58 28.14 5.04 41.04
N ARG C 59 27.29 4.42 41.83
CA ARG C 59 26.75 3.08 41.55
C ARG C 59 25.49 3.14 40.70
N PHE C 60 25.57 2.53 39.52
CA PHE C 60 24.44 2.49 38.62
C PHE C 60 23.25 1.75 39.23
N SER C 61 22.11 1.85 38.56
CA SER C 61 20.85 1.22 38.96
C SER C 61 20.91 -0.06 39.80
N GLY C 62 20.36 -1.14 39.27
CA GLY C 62 20.28 -2.42 39.97
C GLY C 62 21.57 -3.08 40.41
N VAL C 63 22.59 -2.27 40.69
CA VAL C 63 23.88 -2.80 41.13
C VAL C 63 23.92 -2.91 42.64
N PRO C 64 24.26 -4.11 43.15
CA PRO C 64 24.34 -4.33 44.59
C PRO C 64 25.26 -3.31 45.26
N ASP C 65 25.27 -3.30 46.59
CA ASP C 65 26.11 -2.36 47.33
C ASP C 65 27.48 -2.93 47.67
N ARG C 66 27.71 -4.19 47.30
CA ARG C 66 28.99 -4.84 47.59
C ARG C 66 30.10 -4.20 46.75
N PHE C 67 29.68 -3.53 45.68
CA PHE C 67 30.63 -2.89 44.78
C PHE C 67 30.80 -1.43 45.16
N SER C 68 32.04 -0.97 45.20
CA SER C 68 32.29 0.41 45.53
C SER C 68 33.49 0.96 44.77
N GLY C 69 33.29 2.13 44.16
CA GLY C 69 34.35 2.76 43.41
C GLY C 69 35.09 3.72 44.31
N SER C 70 36.33 4.04 43.96
CA SER C 70 37.10 4.97 44.75
C SER C 70 38.44 5.32 44.11
N GLY C 71 39.05 6.38 44.61
CA GLY C 71 40.31 6.84 44.07
C GLY C 71 40.13 8.15 43.33
N SER C 72 41.24 8.84 43.04
CA SER C 72 41.18 10.12 42.33
C SER C 72 42.50 10.46 41.68
N GLY C 73 42.43 11.36 40.69
CA GLY C 73 43.63 11.80 40.00
C GLY C 73 44.22 10.77 39.05
N THR C 74 44.82 9.72 39.60
CA THR C 74 45.43 8.69 38.77
C THR C 74 45.36 7.29 39.35
N ASP C 75 44.77 7.16 40.54
CA ASP C 75 44.62 5.87 41.19
C ASP C 75 43.17 5.61 41.54
N PHE C 76 42.64 4.51 41.03
CA PHE C 76 41.26 4.13 41.32
C PHE C 76 41.22 2.66 41.65
N THR C 77 40.27 2.30 42.51
CA THR C 77 40.12 0.92 42.94
C THR C 77 38.68 0.46 43.01
N LEU C 78 38.43 -0.77 42.57
CA LEU C 78 37.09 -1.34 42.61
C LEU C 78 37.16 -2.46 43.63
N LYS C 79 36.27 -2.41 44.62
CA LYS C 79 36.26 -3.42 45.66
C LYS C 79 34.92 -4.11 45.77
N ILE C 80 34.97 -5.42 45.94
CA ILE C 80 33.78 -6.23 46.09
C ILE C 80 33.90 -6.97 47.40
N SER C 81 33.15 -6.54 48.41
CA SER C 81 33.17 -7.20 49.70
C SER C 81 32.13 -8.32 49.62
N ARG C 82 32.49 -9.49 50.13
CA ARG C 82 31.60 -10.65 50.11
C ARG C 82 31.32 -11.09 48.66
N VAL C 83 32.35 -11.65 48.03
CA VAL C 83 32.26 -12.14 46.65
C VAL C 83 31.37 -13.38 46.60
N GLU C 84 30.86 -13.69 45.41
CA GLU C 84 30.01 -14.86 45.26
C GLU C 84 29.96 -15.36 43.82
N ALA C 85 29.33 -16.52 43.63
CA ALA C 85 29.19 -17.16 42.35
C ALA C 85 28.88 -16.24 41.17
N GLU C 86 27.89 -15.36 41.37
CA GLU C 86 27.46 -14.45 40.33
C GLU C 86 28.46 -13.41 39.79
N ASP C 87 29.27 -12.85 40.68
CA ASP C 87 30.25 -11.83 40.31
C ASP C 87 31.38 -12.31 39.42
N LEU C 88 31.20 -13.48 38.82
CA LEU C 88 32.22 -14.09 37.97
C LEU C 88 32.30 -13.39 36.61
N GLY C 89 33.52 -13.18 36.12
CA GLY C 89 33.72 -12.55 34.83
C GLY C 89 34.88 -11.57 34.83
N VAL C 90 35.03 -10.82 33.75
CA VAL C 90 36.12 -9.83 33.66
C VAL C 90 35.63 -8.41 33.94
N TYR C 91 36.44 -7.66 34.70
CA TYR C 91 36.12 -6.28 35.06
C TYR C 91 37.02 -5.31 34.31
N TYR C 92 36.45 -4.19 33.88
CA TYR C 92 37.19 -3.18 33.13
C TYR C 92 36.88 -1.79 33.65
N CYS C 93 37.88 -0.91 33.54
CA CYS C 93 37.69 0.48 33.95
C CYS C 93 37.78 1.30 32.67
N PHE C 94 37.10 2.44 32.66
CA PHE C 94 37.03 3.28 31.47
C PHE C 94 37.16 4.74 31.87
N GLN C 95 37.94 5.48 31.10
CA GLN C 95 38.15 6.90 31.36
C GLN C 95 37.33 7.67 30.33
N GLY C 96 36.37 8.46 30.81
CA GLY C 96 35.52 9.20 29.90
C GLY C 96 35.63 10.70 30.10
N SER C 97 36.86 11.19 30.23
CA SER C 97 37.11 12.61 30.42
C SER C 97 37.93 13.15 29.25
N HIS C 98 38.89 12.34 28.81
CA HIS C 98 39.77 12.71 27.72
C HIS C 98 39.55 11.86 26.48
N VAL C 99 39.69 12.48 25.32
CA VAL C 99 39.52 11.78 24.05
C VAL C 99 40.86 11.65 23.35
N PRO C 100 41.11 10.50 22.72
CA PRO C 100 40.17 9.38 22.67
C PRO C 100 39.84 8.77 24.04
N ARG C 101 38.82 7.92 24.07
CA ARG C 101 38.41 7.24 25.29
C ARG C 101 39.31 6.02 25.46
N THR C 102 39.55 5.59 26.70
CA THR C 102 40.43 4.45 26.96
C THR C 102 39.83 3.38 27.87
N PHE C 103 40.19 2.13 27.58
CA PHE C 103 39.72 0.97 28.34
C PHE C 103 40.93 0.30 28.99
N GLY C 104 40.72 -0.28 30.16
CA GLY C 104 41.81 -0.97 30.83
C GLY C 104 42.03 -2.31 30.16
N GLY C 105 42.92 -3.12 30.71
CA GLY C 105 43.20 -4.43 30.15
C GLY C 105 42.24 -5.51 30.61
N GLY C 106 41.43 -5.19 31.63
CA GLY C 106 40.48 -6.15 32.14
C GLY C 106 41.09 -7.02 33.22
N THR C 107 40.29 -7.39 34.21
CA THR C 107 40.77 -8.25 35.30
C THR C 107 39.80 -9.42 35.43
N LYS C 108 40.33 -10.65 35.36
CA LYS C 108 39.49 -11.84 35.45
C LYS C 108 39.37 -12.40 36.87
N LEU C 109 38.18 -12.27 37.45
CA LEU C 109 37.92 -12.76 38.78
C LEU C 109 37.38 -14.20 38.73
N GLU C 110 38.16 -15.15 39.24
CA GLU C 110 37.71 -16.53 39.25
C GLU C 110 37.39 -16.95 40.69
N ILE C 111 36.25 -17.62 40.87
CA ILE C 111 35.79 -18.08 42.16
C ILE C 111 36.44 -19.39 42.58
N LYS C 112 37.30 -19.34 43.60
CA LYS C 112 37.98 -20.55 44.10
C LYS C 112 37.08 -21.32 45.07
N ARG C 113 36.99 -22.63 44.88
CA ARG C 113 36.12 -23.49 45.70
C ARG C 113 36.74 -24.84 46.06
N THR C 114 36.03 -25.58 46.89
CA THR C 114 36.46 -26.91 47.32
C THR C 114 36.79 -27.75 46.09
N VAL C 115 37.71 -28.69 46.23
CA VAL C 115 38.07 -29.53 45.11
C VAL C 115 36.91 -30.44 44.67
N ALA C 116 36.73 -30.51 43.35
CA ALA C 116 35.69 -31.34 42.74
C ALA C 116 36.27 -32.15 41.59
N ALA C 117 36.13 -33.47 41.66
CA ALA C 117 36.66 -34.33 40.62
C ALA C 117 35.76 -34.32 39.39
N PRO C 118 36.34 -34.61 38.20
CA PRO C 118 35.56 -34.63 36.96
C PRO C 118 34.83 -35.94 36.78
N SER C 119 33.64 -35.88 36.18
CA SER C 119 32.84 -37.07 35.91
C SER C 119 33.06 -37.35 34.43
N VAL C 120 33.64 -38.51 34.11
CA VAL C 120 33.95 -38.84 32.74
C VAL C 120 32.92 -39.63 31.93
N PHE C 121 32.73 -39.22 30.69
CA PHE C 121 31.82 -39.88 29.75
C PHE C 121 32.55 -40.05 28.42
N ILE C 122 32.21 -41.09 27.65
CA ILE C 122 32.86 -41.34 26.37
C ILE C 122 31.87 -41.73 25.29
N PHE C 123 31.89 -41.00 24.18
CA PHE C 123 30.97 -41.25 23.07
C PHE C 123 31.68 -41.76 21.82
N PRO C 124 31.19 -42.86 21.23
CA PRO C 124 31.78 -43.42 20.01
C PRO C 124 31.25 -42.65 18.79
N PRO C 125 31.95 -42.72 17.65
CA PRO C 125 31.46 -42.01 16.48
C PRO C 125 30.06 -42.42 16.02
N SER C 126 29.22 -41.45 15.69
CA SER C 126 27.86 -41.72 15.23
C SER C 126 27.91 -42.60 13.98
N ASP C 127 26.79 -43.23 13.64
CA ASP C 127 26.75 -44.07 12.44
C ASP C 127 26.67 -43.11 11.28
N GLU C 128 25.85 -42.07 11.46
CA GLU C 128 25.66 -41.03 10.46
C GLU C 128 27.01 -40.44 10.06
N GLN C 129 27.87 -40.20 11.03
CA GLN C 129 29.18 -39.64 10.73
C GLN C 129 30.13 -40.66 10.11
N LEU C 130 29.90 -41.94 10.35
CA LEU C 130 30.76 -42.96 9.79
C LEU C 130 30.49 -43.16 8.31
N LYS C 131 29.24 -42.92 7.90
CA LYS C 131 28.87 -43.04 6.50
C LYS C 131 29.76 -42.06 5.75
N SER C 132 29.98 -40.91 6.35
CA SER C 132 30.80 -39.86 5.77
C SER C 132 32.21 -40.33 5.43
N GLY C 133 32.86 -41.00 6.37
CA GLY C 133 34.21 -41.48 6.11
C GLY C 133 35.20 -41.01 7.15
N THR C 134 34.68 -40.47 8.24
CA THR C 134 35.51 -39.99 9.35
C THR C 134 34.82 -40.38 10.66
N ALA C 135 35.59 -40.54 11.72
CA ALA C 135 35.04 -40.91 13.01
C ALA C 135 35.56 -39.98 14.11
N SER C 136 34.65 -39.48 14.93
CA SER C 136 35.03 -38.59 16.02
C SER C 136 34.67 -39.19 17.38
N VAL C 137 35.68 -39.49 18.18
CA VAL C 137 35.44 -40.04 19.51
C VAL C 137 35.51 -38.84 20.45
N VAL C 138 34.50 -38.68 21.32
CA VAL C 138 34.47 -37.57 22.24
C VAL C 138 34.49 -37.97 23.70
N CYS C 139 35.40 -37.38 24.46
CA CYS C 139 35.46 -37.67 25.89
C CYS C 139 35.06 -36.41 26.63
N LEU C 140 34.20 -36.57 27.63
CA LEU C 140 33.73 -35.44 28.41
C LEU C 140 34.13 -35.48 29.88
N LEU C 141 34.81 -34.43 30.34
CA LEU C 141 35.18 -34.33 31.75
C LEU C 141 34.21 -33.26 32.25
N ASN C 142 33.17 -33.69 32.97
CA ASN C 142 32.16 -32.75 33.43
C ASN C 142 32.26 -32.24 34.88
N ASN C 143 31.94 -30.96 35.04
CA ASN C 143 31.92 -30.22 36.30
C ASN C 143 32.98 -30.60 37.33
N PHE C 144 34.20 -30.08 37.12
CA PHE C 144 35.30 -30.38 38.01
C PHE C 144 36.02 -29.10 38.45
N TYR C 145 36.99 -29.25 39.34
CA TYR C 145 37.77 -28.12 39.84
C TYR C 145 38.97 -28.60 40.66
N PRO C 146 40.13 -27.94 40.52
CA PRO C 146 40.46 -26.78 39.67
C PRO C 146 40.38 -27.00 38.15
N ARG C 147 40.94 -26.06 37.41
CA ARG C 147 40.92 -26.11 35.96
C ARG C 147 41.83 -27.16 35.33
N GLU C 148 43.00 -27.38 35.93
CA GLU C 148 43.97 -28.34 35.39
C GLU C 148 43.42 -29.77 35.31
N ALA C 149 43.65 -30.41 34.17
CA ALA C 149 43.17 -31.77 33.99
C ALA C 149 43.77 -32.42 32.74
N LYS C 150 44.38 -33.60 32.93
CA LYS C 150 44.98 -34.33 31.82
C LYS C 150 44.04 -35.36 31.20
N VAL C 151 44.22 -35.62 29.90
CA VAL C 151 43.40 -36.58 29.16
C VAL C 151 44.25 -37.30 28.11
N GLN C 152 44.30 -38.63 28.19
CA GLN C 152 45.06 -39.41 27.22
C GLN C 152 44.21 -40.48 26.54
N TRP C 153 44.35 -40.58 25.23
CA TRP C 153 43.60 -41.56 24.47
C TRP C 153 44.45 -42.81 24.25
N LYS C 154 43.80 -43.97 24.26
CA LYS C 154 44.47 -45.25 24.04
C LYS C 154 43.61 -46.15 23.16
N VAL C 155 44.00 -46.27 21.91
CA VAL C 155 43.30 -47.13 20.96
C VAL C 155 44.01 -48.48 21.00
N ASP C 156 43.45 -49.43 21.75
CA ASP C 156 44.04 -50.76 21.89
C ASP C 156 45.28 -50.64 22.77
N ASN C 157 45.12 -49.99 23.92
CA ASN C 157 46.21 -49.78 24.86
C ASN C 157 47.37 -48.95 24.33
N ALA C 158 47.25 -48.50 23.09
CA ALA C 158 48.28 -47.67 22.47
C ALA C 158 48.00 -46.20 22.77
N LEU C 159 49.00 -45.48 23.27
CA LEU C 159 48.83 -44.07 23.56
C LEU C 159 48.72 -43.32 22.23
N GLN C 160 48.10 -42.14 22.25
CA GLN C 160 47.93 -41.34 21.04
C GLN C 160 48.46 -39.93 21.25
N SER C 161 48.65 -39.20 20.16
CA SER C 161 49.14 -37.83 20.28
C SER C 161 49.02 -37.06 18.98
N GLY C 162 48.77 -35.76 19.09
CA GLY C 162 48.65 -34.93 17.91
C GLY C 162 47.54 -35.33 16.97
N ASN C 163 46.48 -35.92 17.50
CA ASN C 163 45.34 -36.31 16.68
C ASN C 163 44.07 -36.06 17.47
N SER C 164 44.18 -35.19 18.45
CA SER C 164 43.07 -34.84 19.34
C SER C 164 43.25 -33.43 19.92
N GLN C 165 42.15 -32.69 20.08
CA GLN C 165 42.20 -31.35 20.65
C GLN C 165 41.09 -31.14 21.67
N GLU C 166 41.36 -30.30 22.68
CA GLU C 166 40.39 -30.05 23.74
C GLU C 166 39.78 -28.66 23.74
N SER C 167 38.75 -28.49 24.57
CA SER C 167 38.04 -27.23 24.68
C SER C 167 37.45 -27.11 26.09
N VAL C 168 37.81 -26.07 26.81
CA VAL C 168 37.32 -25.89 28.17
C VAL C 168 36.29 -24.77 28.25
N THR C 169 35.23 -24.99 29.03
CA THR C 169 34.20 -23.98 29.19
C THR C 169 34.72 -22.95 30.18
N GLU C 170 33.96 -21.89 30.39
CA GLU C 170 34.34 -20.87 31.34
C GLU C 170 33.70 -21.23 32.67
N GLN C 171 34.30 -20.79 33.78
CA GLN C 171 33.78 -21.10 35.09
C GLN C 171 32.28 -20.90 35.15
N ASP C 172 31.57 -21.88 35.73
CA ASP C 172 30.12 -21.82 35.83
C ASP C 172 29.69 -20.85 36.93
N SER C 173 28.78 -19.94 36.60
CA SER C 173 28.29 -18.96 37.55
C SER C 173 27.52 -19.61 38.69
N LYS C 174 27.15 -20.87 38.51
CA LYS C 174 26.41 -21.60 39.52
C LYS C 174 27.35 -22.20 40.57
N ASP C 175 27.92 -23.36 40.27
CA ASP C 175 28.82 -24.06 41.18
C ASP C 175 30.31 -23.74 40.99
N SER C 176 30.61 -22.76 40.15
CA SER C 176 31.98 -22.36 39.89
C SER C 176 32.93 -23.51 39.59
N THR C 177 32.56 -24.33 38.62
CA THR C 177 33.38 -25.47 38.19
C THR C 177 33.67 -25.36 36.69
N TYR C 178 34.49 -26.27 36.17
CA TYR C 178 34.83 -26.26 34.75
C TYR C 178 34.38 -27.54 34.09
N SER C 179 34.41 -27.55 32.76
CA SER C 179 34.04 -28.73 31.97
C SER C 179 34.96 -28.74 30.78
N LEU C 180 35.34 -29.92 30.34
CA LEU C 180 36.24 -30.03 29.20
C LEU C 180 35.77 -31.12 28.26
N SER C 181 36.03 -30.92 26.97
CA SER C 181 35.66 -31.91 25.96
C SER C 181 36.92 -32.21 25.16
N SER C 182 37.13 -33.49 24.89
CA SER C 182 38.30 -33.92 24.13
C SER C 182 37.74 -34.67 22.94
N THR C 183 38.32 -34.46 21.76
CA THR C 183 37.84 -35.15 20.58
C THR C 183 38.96 -35.81 19.81
N LEU C 184 38.91 -37.13 19.78
CA LEU C 184 39.90 -37.96 19.08
C LEU C 184 39.39 -38.11 17.66
N THR C 185 40.18 -37.68 16.69
CA THR C 185 39.77 -37.75 15.30
C THR C 185 40.59 -38.77 14.51
N LEU C 186 39.90 -39.72 13.88
CA LEU C 186 40.54 -40.76 13.07
C LEU C 186 39.72 -41.02 11.80
N SER C 187 40.38 -41.56 10.77
CA SER C 187 39.69 -41.86 9.51
C SER C 187 38.83 -43.12 9.69
N LYS C 188 37.68 -43.15 9.03
CA LYS C 188 36.78 -44.30 9.12
C LYS C 188 37.55 -45.60 9.03
N ALA C 189 38.56 -45.61 8.15
CA ALA C 189 39.39 -46.79 7.95
C ALA C 189 40.04 -47.25 9.24
N ASP C 190 41.06 -46.51 9.66
CA ASP C 190 41.81 -46.81 10.87
C ASP C 190 40.91 -47.13 12.07
N TYR C 191 39.71 -46.54 12.08
CA TYR C 191 38.78 -46.81 13.17
C TYR C 191 38.29 -48.26 13.09
N GLU C 192 38.09 -48.75 11.86
CA GLU C 192 37.64 -50.11 11.63
C GLU C 192 38.75 -51.06 12.05
N LYS C 193 39.97 -50.58 11.91
CA LYS C 193 41.20 -51.31 12.21
C LYS C 193 41.48 -51.60 13.70
N HIS C 194 40.76 -50.98 14.62
CA HIS C 194 40.98 -51.21 16.05
C HIS C 194 39.75 -51.62 16.84
N LYS C 195 39.96 -52.03 18.10
CA LYS C 195 38.86 -52.51 18.93
C LYS C 195 38.53 -51.76 20.22
N VAL C 196 39.55 -51.48 21.03
CA VAL C 196 39.33 -50.78 22.30
C VAL C 196 39.70 -49.30 22.29
N TYR C 197 38.71 -48.46 22.57
CA TYR C 197 38.91 -47.01 22.63
C TYR C 197 38.72 -46.54 24.06
N ALA C 198 39.77 -46.00 24.65
CA ALA C 198 39.67 -45.54 26.03
C ALA C 198 40.11 -44.12 26.25
N CYS C 199 39.51 -43.50 27.27
CA CYS C 199 39.79 -42.14 27.65
C CYS C 199 40.24 -42.20 29.11
N GLU C 200 41.46 -41.76 29.40
CA GLU C 200 41.96 -41.82 30.77
C GLU C 200 42.22 -40.44 31.34
N VAL C 201 41.38 -40.05 32.30
CA VAL C 201 41.44 -38.74 32.93
C VAL C 201 42.20 -38.68 34.26
N THR C 202 43.05 -37.67 34.40
CA THR C 202 43.86 -37.46 35.62
C THR C 202 43.52 -36.10 36.21
N HIS C 203 43.18 -36.07 37.49
CA HIS C 203 42.84 -34.81 38.14
C HIS C 203 43.22 -34.84 39.62
N GLN C 204 43.42 -33.65 40.20
CA GLN C 204 43.78 -33.55 41.60
C GLN C 204 42.71 -34.20 42.46
N GLY C 205 41.45 -34.00 42.09
CA GLY C 205 40.35 -34.59 42.84
C GLY C 205 40.33 -36.10 42.74
N LEU C 206 41.21 -36.63 41.91
CA LEU C 206 41.32 -38.06 41.69
C LEU C 206 42.54 -38.61 42.42
N SER C 207 42.31 -39.63 43.22
CA SER C 207 43.38 -40.30 43.96
C SER C 207 44.14 -41.14 42.94
N SER C 208 43.39 -41.85 42.10
CA SER C 208 43.94 -42.68 41.04
C SER C 208 43.15 -42.37 39.77
N PRO C 209 43.84 -42.28 38.62
CA PRO C 209 43.24 -41.97 37.32
C PRO C 209 42.08 -42.87 36.85
N VAL C 210 41.00 -42.26 36.37
CA VAL C 210 39.83 -42.98 35.91
C VAL C 210 39.83 -43.21 34.39
N THR C 211 39.15 -44.27 33.97
CA THR C 211 39.08 -44.63 32.56
C THR C 211 37.68 -45.00 32.12
N LYS C 212 37.34 -44.58 30.90
CA LYS C 212 36.07 -44.89 30.29
C LYS C 212 36.48 -45.43 28.94
N SER C 213 35.76 -46.42 28.43
CA SER C 213 36.12 -47.00 27.13
C SER C 213 35.02 -47.88 26.58
N PHE C 214 35.26 -48.44 25.39
CA PHE C 214 34.27 -49.29 24.75
C PHE C 214 34.87 -50.10 23.62
N ASN C 215 34.14 -51.11 23.17
CA ASN C 215 34.57 -51.96 22.08
C ASN C 215 33.79 -51.67 20.81
N ARG C 216 34.52 -51.29 19.75
CA ARG C 216 33.91 -50.96 18.48
C ARG C 216 32.88 -51.98 18.02
N GLY C 217 33.14 -53.27 18.27
CA GLY C 217 32.19 -54.29 17.85
C GLY C 217 30.94 -54.38 18.72
N GLN D 1 11.32 0.89 26.91
CA GLN D 1 12.41 0.01 27.38
C GLN D 1 13.51 0.14 26.35
N VAL D 2 14.64 0.71 26.76
CA VAL D 2 15.78 0.94 25.87
C VAL D 2 16.19 -0.30 25.10
N GLN D 3 16.42 -0.13 23.80
CA GLN D 3 16.82 -1.24 22.94
C GLN D 3 17.86 -0.83 21.90
N LEU D 4 18.94 -1.59 21.87
CA LEU D 4 20.05 -1.36 20.96
C LEU D 4 20.36 -2.67 20.27
N VAL D 5 20.03 -2.75 18.99
CA VAL D 5 20.28 -3.95 18.23
C VAL D 5 21.13 -3.61 17.02
N GLU D 6 22.32 -4.21 16.94
CA GLU D 6 23.21 -3.97 15.81
C GLU D 6 23.16 -5.13 14.80
N SER D 7 23.67 -4.89 13.60
CA SER D 7 23.66 -5.91 12.55
C SER D 7 24.59 -5.51 11.41
N GLY D 8 24.62 -6.34 10.38
CA GLY D 8 25.48 -6.04 9.25
C GLY D 8 26.79 -6.79 9.35
N GLY D 9 26.99 -7.50 10.47
CA GLY D 9 28.21 -8.27 10.63
C GLY D 9 28.23 -9.46 9.69
N GLY D 10 29.36 -10.13 9.61
CA GLY D 10 29.45 -11.29 8.73
C GLY D 10 30.85 -11.46 8.13
N LEU D 11 30.95 -12.34 7.15
CA LEU D 11 32.24 -12.60 6.51
C LEU D 11 32.53 -11.57 5.42
N VAL D 12 33.80 -11.18 5.29
CA VAL D 12 34.18 -10.21 4.28
C VAL D 12 35.62 -10.44 3.85
N GLN D 13 35.91 -10.20 2.57
CA GLN D 13 37.25 -10.39 2.01
C GLN D 13 38.25 -9.34 2.51
N PRO D 14 39.50 -9.74 2.73
CA PRO D 14 40.50 -8.79 3.21
C PRO D 14 40.67 -7.63 2.23
N GLY D 15 40.56 -6.41 2.74
CA GLY D 15 40.71 -5.22 1.91
C GLY D 15 39.39 -4.57 1.53
N GLY D 16 38.29 -5.27 1.80
CA GLY D 16 36.98 -4.75 1.47
C GLY D 16 36.30 -3.90 2.52
N SER D 17 35.04 -3.59 2.28
CA SER D 17 34.25 -2.77 3.18
C SER D 17 33.00 -3.48 3.69
N LEU D 18 32.46 -2.95 4.79
CA LEU D 18 31.29 -3.51 5.44
C LEU D 18 30.76 -2.47 6.40
N ARG D 19 29.51 -2.06 6.23
CA ARG D 19 28.92 -1.06 7.12
C ARG D 19 28.01 -1.73 8.16
N LEU D 20 28.22 -1.38 9.42
CA LEU D 20 27.41 -1.94 10.50
C LEU D 20 26.37 -0.92 10.90
N SER D 21 25.26 -1.39 11.46
CA SER D 21 24.19 -0.52 11.90
C SER D 21 23.73 -0.94 13.28
N CYS D 22 23.20 0.01 14.03
CA CYS D 22 22.72 -0.24 15.39
C CYS D 22 21.37 0.42 15.52
N ALA D 23 20.33 -0.38 15.73
CA ALA D 23 18.98 0.16 15.87
C ALA D 23 18.65 0.47 17.31
N THR D 24 18.16 1.69 17.56
CA THR D 24 17.79 2.07 18.92
C THR D 24 16.31 2.37 19.00
N SER D 25 15.78 2.34 20.22
CA SER D 25 14.37 2.61 20.48
C SER D 25 14.20 2.66 21.99
N GLY D 26 13.38 3.59 22.49
CA GLY D 26 13.17 3.66 23.92
C GLY D 26 13.79 4.87 24.60
N PHE D 27 14.21 5.87 23.84
CA PHE D 27 14.78 7.07 24.42
C PHE D 27 15.02 8.09 23.31
N THR D 28 15.30 9.33 23.70
CA THR D 28 15.54 10.37 22.71
C THR D 28 16.95 10.20 22.15
N PHE D 29 17.01 9.51 21.01
CA PHE D 29 18.24 9.21 20.29
C PHE D 29 19.22 10.38 20.16
N THR D 30 18.72 11.58 19.86
CA THR D 30 19.60 12.75 19.67
C THR D 30 20.17 13.42 20.93
N ASP D 31 19.78 12.95 22.11
CA ASP D 31 20.32 13.52 23.33
C ASP D 31 21.62 12.84 23.73
N TYR D 32 21.88 11.66 23.16
CA TYR D 32 23.08 10.89 23.51
C TYR D 32 24.19 10.75 22.48
N TYR D 33 25.38 10.43 23.00
CA TYR D 33 26.56 10.18 22.19
C TYR D 33 26.43 8.69 21.88
N MET D 34 26.78 8.28 20.67
CA MET D 34 26.69 6.86 20.32
C MET D 34 28.10 6.29 20.14
N SER D 35 28.40 5.24 20.90
CA SER D 35 29.71 4.59 20.85
C SER D 35 29.77 3.22 20.15
N TRP D 36 30.93 2.94 19.57
CA TRP D 36 31.21 1.66 18.90
C TRP D 36 32.40 1.04 19.62
N VAL D 37 32.28 -0.22 20.01
CA VAL D 37 33.35 -0.91 20.72
C VAL D 37 33.44 -2.36 20.25
N ARG D 38 34.62 -2.79 19.86
CA ARG D 38 34.79 -4.16 19.39
C ARG D 38 35.61 -5.02 20.34
N GLN D 39 35.49 -6.33 20.19
CA GLN D 39 36.21 -7.26 21.04
C GLN D 39 36.56 -8.55 20.30
N PRO D 40 37.84 -8.73 19.98
CA PRO D 40 38.26 -9.96 19.28
C PRO D 40 37.98 -11.16 20.17
N PRO D 41 37.69 -12.32 19.56
CA PRO D 41 37.40 -13.51 20.36
C PRO D 41 38.48 -13.80 21.42
N GLY D 42 38.08 -13.72 22.68
CA GLY D 42 39.00 -13.99 23.77
C GLY D 42 39.91 -12.86 24.22
N LYS D 43 39.82 -11.70 23.60
CA LYS D 43 40.67 -10.58 23.99
C LYS D 43 39.91 -9.44 24.69
N ALA D 44 40.60 -8.36 24.99
CA ALA D 44 39.98 -7.24 25.68
C ALA D 44 39.13 -6.33 24.80
N LEU D 45 38.34 -5.48 25.45
CA LEU D 45 37.48 -4.53 24.77
C LEU D 45 38.37 -3.43 24.21
N GLU D 46 37.99 -2.89 23.05
CA GLU D 46 38.77 -1.82 22.42
C GLU D 46 37.86 -0.67 21.94
N TRP D 47 37.91 0.46 22.63
CA TRP D 47 37.07 1.60 22.26
C TRP D 47 37.44 1.99 20.84
N LEU D 48 36.43 2.13 19.97
CA LEU D 48 36.71 2.50 18.60
C LEU D 48 36.45 3.97 18.33
N GLY D 49 35.37 4.50 18.88
CA GLY D 49 35.07 5.90 18.66
C GLY D 49 33.61 6.17 18.90
N PHE D 50 33.21 7.44 18.88
CA PHE D 50 31.82 7.80 19.08
C PHE D 50 31.46 9.05 18.31
N ILE D 51 30.18 9.39 18.38
CA ILE D 51 29.64 10.57 17.73
C ILE D 51 28.84 11.28 18.81
N ARG D 52 29.15 12.56 19.04
CA ARG D 52 28.49 13.35 20.05
C ARG D 52 27.00 13.60 19.77
N ASN D 53 26.25 13.95 20.81
CA ASN D 53 24.81 14.22 20.73
C ASN D 53 24.46 15.48 19.93
N LYS D 54 23.20 15.90 20.01
CA LYS D 54 22.78 17.08 19.28
C LYS D 54 23.42 18.36 19.78
N ALA D 55 23.48 18.52 21.09
CA ALA D 55 24.07 19.71 21.65
C ALA D 55 25.52 19.93 21.25
N ASN D 56 26.13 18.96 20.58
CA ASN D 56 27.53 19.12 20.20
C ASN D 56 27.82 19.00 18.71
N GLY D 57 26.82 19.30 17.88
CA GLY D 57 27.02 19.21 16.44
C GLY D 57 27.33 17.82 15.93
N TYR D 58 26.89 16.79 16.63
CA TYR D 58 27.13 15.41 16.22
C TYR D 58 28.56 15.18 15.75
N THR D 59 29.55 15.75 16.43
CA THR D 59 30.93 15.55 16.02
C THR D 59 31.46 14.15 16.36
N THR D 60 32.39 13.65 15.53
CA THR D 60 32.94 12.31 15.74
C THR D 60 34.36 12.28 16.27
N GLU D 61 34.67 11.20 16.99
CA GLU D 61 35.99 10.96 17.55
C GLU D 61 36.29 9.49 17.29
N TYR D 62 37.52 9.20 16.89
CA TYR D 62 37.92 7.83 16.60
C TYR D 62 39.16 7.43 17.38
N SER D 63 39.41 6.13 17.47
CA SER D 63 40.58 5.63 18.15
C SER D 63 41.69 5.58 17.12
N ALA D 64 42.86 6.09 17.48
CA ALA D 64 44.00 6.11 16.57
C ALA D 64 44.08 4.83 15.75
N SER D 65 43.77 3.69 16.37
CA SER D 65 43.83 2.40 15.70
C SER D 65 42.96 2.26 14.46
N VAL D 66 41.89 3.04 14.37
CA VAL D 66 40.99 2.99 13.20
C VAL D 66 40.72 4.31 12.52
N LYS D 67 41.15 5.42 13.12
CA LYS D 67 40.92 6.75 12.53
C LYS D 67 41.23 6.81 11.03
N GLY D 68 40.39 7.52 10.28
CA GLY D 68 40.61 7.64 8.85
C GLY D 68 40.20 6.42 8.03
N ARG D 69 40.23 5.26 8.67
CA ARG D 69 39.85 4.03 8.00
C ARG D 69 38.39 3.72 8.34
N PHE D 70 37.96 4.12 9.53
CA PHE D 70 36.59 3.91 10.00
C PHE D 70 35.83 5.24 10.13
N THR D 71 34.52 5.19 9.91
CA THR D 71 33.67 6.36 10.01
C THR D 71 32.38 6.02 10.74
N ILE D 72 31.88 6.97 11.51
CA ILE D 72 30.65 6.82 12.27
C ILE D 72 29.70 7.91 11.82
N SER D 73 28.40 7.65 11.90
CA SER D 73 27.39 8.63 11.52
C SER D 73 26.07 8.26 12.20
N ARG D 74 25.01 9.01 11.90
CA ARG D 74 23.72 8.73 12.50
C ARG D 74 22.53 9.30 11.75
N ASP D 75 21.46 8.52 11.68
CA ASP D 75 20.21 8.93 11.05
C ASP D 75 19.29 9.25 12.21
N ASN D 76 19.02 10.52 12.43
CA ASN D 76 18.19 10.93 13.55
C ASN D 76 16.69 10.75 13.33
N SER D 77 16.21 10.89 12.10
CA SER D 77 14.80 10.71 11.82
C SER D 77 14.44 9.25 11.95
N GLN D 78 15.45 8.41 12.20
CA GLN D 78 15.24 6.98 12.35
C GLN D 78 15.97 6.41 13.56
N SER D 79 16.74 7.24 14.24
CA SER D 79 17.45 6.78 15.43
C SER D 79 18.33 5.56 15.16
N ILE D 80 19.13 5.63 14.10
CA ILE D 80 20.04 4.54 13.74
C ILE D 80 21.50 4.98 13.82
N LEU D 81 22.35 4.10 14.32
CA LEU D 81 23.77 4.39 14.43
C LEU D 81 24.49 3.55 13.39
N TYR D 82 25.50 4.16 12.76
CA TYR D 82 26.27 3.49 11.71
C TYR D 82 27.78 3.43 11.96
N LEU D 83 28.42 2.44 11.34
CA LEU D 83 29.87 2.27 11.42
C LEU D 83 30.31 1.73 10.08
N GLN D 84 31.00 2.59 9.31
CA GLN D 84 31.51 2.23 7.99
C GLN D 84 32.97 1.85 8.15
N MET D 85 33.33 0.64 7.71
CA MET D 85 34.71 0.18 7.82
C MET D 85 35.30 -0.06 6.43
N ASN D 86 36.53 0.38 6.18
CA ASN D 86 37.14 0.18 4.87
C ASN D 86 38.53 -0.39 5.00
N THR D 87 38.93 -1.19 4.02
CA THR D 87 40.27 -1.78 4.04
C THR D 87 40.45 -2.67 5.26
N LEU D 88 39.47 -3.54 5.49
CA LEU D 88 39.52 -4.44 6.63
C LEU D 88 40.68 -5.45 6.54
N ARG D 89 41.32 -5.69 7.68
CA ARG D 89 42.42 -6.65 7.78
C ARG D 89 41.90 -7.80 8.64
N ALA D 90 42.64 -8.89 8.70
CA ALA D 90 42.24 -10.05 9.49
C ALA D 90 42.05 -9.72 10.97
N GLU D 91 42.87 -8.80 11.48
CA GLU D 91 42.78 -8.42 12.89
C GLU D 91 41.48 -7.70 13.23
N ASP D 92 40.89 -7.01 12.27
CA ASP D 92 39.63 -6.31 12.51
C ASP D 92 38.52 -7.31 12.84
N SER D 93 38.82 -8.60 12.74
CA SER D 93 37.83 -9.64 13.06
C SER D 93 37.48 -9.60 14.53
N ALA D 94 36.22 -9.34 14.85
CA ALA D 94 35.77 -9.26 16.24
C ALA D 94 34.27 -9.06 16.31
N THR D 95 33.76 -9.00 17.55
CA THR D 95 32.34 -8.76 17.79
C THR D 95 32.20 -7.27 18.06
N TYR D 96 31.33 -6.59 17.32
CA TYR D 96 31.17 -5.15 17.50
C TYR D 96 29.92 -4.80 18.30
N TYR D 97 30.08 -3.86 19.24
CA TYR D 97 28.96 -3.41 20.08
C TYR D 97 28.71 -1.93 19.91
N CYS D 98 27.49 -1.53 20.23
CA CYS D 98 27.16 -0.11 20.20
C CYS D 98 26.56 0.14 21.56
N ALA D 99 26.63 1.39 22.00
CA ALA D 99 26.11 1.78 23.29
C ALA D 99 25.78 3.25 23.22
N ARG D 100 24.99 3.72 24.18
CA ARG D 100 24.66 5.12 24.23
C ARG D 100 25.45 5.67 25.40
N ASP D 101 25.79 6.96 25.33
CA ASP D 101 26.56 7.59 26.39
C ASP D 101 25.91 8.88 26.84
N GLY D 102 25.84 9.07 28.16
CA GLY D 102 25.22 10.27 28.69
C GLY D 102 25.36 10.47 30.18
N SER D 103 24.28 10.96 30.79
CA SER D 103 24.26 11.21 32.23
C SER D 103 24.55 9.95 33.05
N TYR D 104 24.72 8.82 32.38
CA TYR D 104 25.00 7.59 33.08
C TYR D 104 25.99 6.73 32.32
N ALA D 105 26.96 7.38 31.69
CA ALA D 105 28.00 6.71 30.91
C ALA D 105 27.38 5.76 29.89
N MET D 106 28.09 4.69 29.58
CA MET D 106 27.58 3.71 28.62
C MET D 106 26.72 2.73 29.40
N ASP D 107 25.55 3.20 29.81
CA ASP D 107 24.60 2.43 30.58
C ASP D 107 23.82 1.38 29.80
N TYR D 108 23.78 1.50 28.48
CA TYR D 108 23.09 0.51 27.65
C TYR D 108 23.91 0.04 26.46
N TRP D 109 24.12 -1.27 26.38
CA TRP D 109 24.88 -1.87 25.30
C TRP D 109 24.03 -2.80 24.45
N GLY D 110 24.44 -3.00 23.21
CA GLY D 110 23.71 -3.92 22.34
C GLY D 110 24.26 -5.31 22.61
N GLN D 111 23.80 -6.32 21.89
CA GLN D 111 24.34 -7.64 22.13
C GLN D 111 25.58 -7.87 21.27
N GLY D 112 25.76 -7.03 20.26
CA GLY D 112 26.92 -7.14 19.38
C GLY D 112 26.69 -7.88 18.07
N THR D 113 27.59 -7.68 17.12
CA THR D 113 27.50 -8.36 15.83
C THR D 113 28.92 -8.90 15.58
N SER D 114 29.00 -10.10 15.02
CA SER D 114 30.29 -10.73 14.74
C SER D 114 30.76 -10.48 13.32
N VAL D 115 32.03 -10.15 13.17
CA VAL D 115 32.60 -9.90 11.87
C VAL D 115 33.88 -10.72 11.75
N THR D 116 34.02 -11.39 10.61
CA THR D 116 35.21 -12.19 10.34
C THR D 116 35.72 -11.75 8.98
N VAL D 117 37.02 -11.45 8.92
CA VAL D 117 37.68 -11.05 7.67
C VAL D 117 38.52 -12.22 7.17
N SER D 118 38.07 -12.85 6.08
CA SER D 118 38.80 -13.98 5.50
C SER D 118 38.49 -14.25 4.04
N SER D 119 39.51 -14.64 3.30
CA SER D 119 39.36 -14.98 1.88
C SER D 119 38.56 -16.27 1.78
N ALA D 120 38.75 -17.15 2.77
CA ALA D 120 38.04 -18.43 2.86
C ALA D 120 36.52 -18.26 2.66
N SER D 121 35.84 -19.28 2.16
CA SER D 121 34.41 -19.14 1.94
C SER D 121 33.51 -19.70 3.05
N THR D 122 32.24 -19.34 3.02
CA THR D 122 31.29 -19.81 4.02
C THR D 122 31.10 -21.31 3.91
N LYS D 123 30.60 -21.91 4.98
CA LYS D 123 30.37 -23.35 5.02
C LYS D 123 29.47 -23.71 6.18
N GLY D 124 28.35 -24.38 5.87
CA GLY D 124 27.41 -24.82 6.89
C GLY D 124 27.93 -26.07 7.57
N PRO D 125 27.64 -26.29 8.85
CA PRO D 125 28.12 -27.48 9.57
C PRO D 125 27.23 -28.70 9.40
N SER D 126 27.71 -29.81 9.93
CA SER D 126 26.99 -31.08 9.91
C SER D 126 26.81 -31.40 11.39
N VAL D 127 25.62 -31.83 11.79
CA VAL D 127 25.38 -32.14 13.19
C VAL D 127 25.17 -33.62 13.45
N PHE D 128 26.03 -34.19 14.27
CA PHE D 128 25.91 -35.61 14.61
C PHE D 128 25.53 -35.68 16.08
N PRO D 129 24.99 -36.82 16.51
CA PRO D 129 24.57 -37.00 17.90
C PRO D 129 25.62 -37.60 18.82
N LEU D 130 25.65 -37.13 20.05
CA LEU D 130 26.55 -37.68 21.06
C LEU D 130 25.57 -38.49 21.91
N ALA D 131 25.07 -39.55 21.29
CA ALA D 131 24.08 -40.43 21.89
C ALA D 131 24.45 -40.98 23.26
N PRO D 132 23.47 -41.01 24.16
CA PRO D 132 23.64 -41.52 25.53
C PRO D 132 24.12 -42.95 25.44
N SER D 133 25.44 -43.11 25.31
CA SER D 133 26.06 -44.43 25.20
C SER D 133 25.20 -45.48 25.89
N SER D 134 24.53 -46.29 25.07
CA SER D 134 23.63 -47.36 25.51
C SER D 134 23.88 -47.83 26.94
N LYS D 135 24.90 -48.68 27.12
CA LYS D 135 25.24 -49.20 28.44
C LYS D 135 25.90 -48.11 29.29
N SER D 136 25.24 -46.94 29.36
CA SER D 136 25.74 -45.81 30.14
C SER D 136 26.39 -46.30 31.43
N THR D 137 27.71 -46.49 31.38
CA THR D 137 28.51 -46.97 32.51
C THR D 137 28.02 -46.49 33.87
N SER D 138 28.39 -47.25 34.91
CA SER D 138 28.03 -46.96 36.28
C SER D 138 27.55 -45.51 36.48
N GLY D 139 26.23 -45.31 36.38
CA GLY D 139 25.67 -43.98 36.55
C GLY D 139 24.16 -43.86 36.40
N GLY D 140 23.56 -43.14 37.35
CA GLY D 140 22.13 -42.91 37.32
C GLY D 140 21.92 -41.64 36.51
N THR D 141 23.01 -40.93 36.28
CA THR D 141 22.99 -39.70 35.50
C THR D 141 23.72 -39.93 34.17
N ALA D 142 23.04 -39.61 33.08
CA ALA D 142 23.59 -39.78 31.73
C ALA D 142 23.97 -38.46 31.07
N ALA D 143 24.86 -38.55 30.07
CA ALA D 143 25.29 -37.37 29.33
C ALA D 143 25.05 -37.61 27.84
N LEU D 144 24.58 -36.58 27.16
CA LEU D 144 24.34 -36.67 25.72
C LEU D 144 24.46 -35.27 25.13
N GLY D 145 24.66 -35.20 23.82
CA GLY D 145 24.79 -33.90 23.18
C GLY D 145 24.86 -33.94 21.67
N CYS D 146 25.36 -32.88 21.08
CA CYS D 146 25.47 -32.80 19.64
C CYS D 146 26.88 -32.36 19.24
N LEU D 147 27.35 -32.85 18.11
CA LEU D 147 28.67 -32.47 17.61
C LEU D 147 28.49 -31.59 16.37
N VAL D 148 28.73 -30.29 16.49
CA VAL D 148 28.60 -29.37 15.35
C VAL D 148 29.98 -29.31 14.73
N LYS D 149 30.13 -29.96 13.58
CA LYS D 149 31.43 -30.05 12.94
C LYS D 149 31.57 -29.52 11.50
N ASP D 150 32.76 -29.01 11.21
CA ASP D 150 33.13 -28.50 9.90
C ASP D 150 32.37 -27.29 9.34
N TYR D 151 32.42 -26.17 10.06
CA TYR D 151 31.74 -24.96 9.61
C TYR D 151 32.68 -23.76 9.56
N PHE D 152 32.25 -22.72 8.86
CA PHE D 152 33.02 -21.50 8.74
C PHE D 152 32.17 -20.38 8.14
N PRO D 153 32.24 -19.17 8.70
CA PRO D 153 33.08 -18.80 9.85
C PRO D 153 32.26 -18.98 11.11
N GLU D 154 32.67 -18.29 12.18
CA GLU D 154 31.94 -18.34 13.43
C GLU D 154 30.89 -17.21 13.40
N PRO D 155 29.91 -17.26 14.31
CA PRO D 155 29.73 -18.29 15.34
C PRO D 155 28.56 -19.22 15.01
N VAL D 156 28.29 -20.15 15.91
CA VAL D 156 27.19 -21.08 15.76
C VAL D 156 26.42 -21.08 17.05
N THR D 157 25.10 -21.05 16.92
CA THR D 157 24.19 -21.04 18.07
C THR D 157 23.68 -22.43 18.35
N VAL D 158 23.61 -22.79 19.63
CA VAL D 158 23.10 -24.10 20.01
C VAL D 158 22.26 -24.07 21.28
N SER D 159 20.96 -24.35 21.15
CA SER D 159 20.07 -24.37 22.30
C SER D 159 19.46 -25.77 22.30
N TRP D 160 18.81 -26.11 23.40
CA TRP D 160 18.17 -27.42 23.49
C TRP D 160 16.65 -27.30 23.69
N ASN D 161 15.91 -28.03 22.86
CA ASN D 161 14.45 -28.01 22.90
C ASN D 161 13.98 -26.56 22.92
N SER D 162 14.28 -25.88 21.82
CA SER D 162 13.94 -24.49 21.60
C SER D 162 14.25 -23.52 22.73
N GLY D 163 15.13 -23.91 23.65
CA GLY D 163 15.47 -22.99 24.73
C GLY D 163 14.96 -23.41 26.09
N ALA D 164 13.92 -24.24 26.08
CA ALA D 164 13.34 -24.73 27.32
C ALA D 164 14.37 -25.48 28.17
N LEU D 165 15.26 -26.26 27.54
CA LEU D 165 16.26 -27.01 28.32
C LEU D 165 17.45 -26.14 28.68
N THR D 166 17.72 -26.01 29.97
CA THR D 166 18.80 -25.16 30.47
C THR D 166 19.71 -25.81 31.52
N SER D 167 19.15 -26.73 32.31
CA SER D 167 19.90 -27.41 33.37
C SER D 167 20.99 -28.36 32.89
N GLY D 168 22.20 -28.15 33.41
CA GLY D 168 23.33 -28.98 33.05
C GLY D 168 23.61 -28.98 31.56
N VAL D 169 23.67 -27.79 30.98
CA VAL D 169 23.91 -27.62 29.57
C VAL D 169 25.25 -26.95 29.40
N HIS D 170 26.13 -27.57 28.63
CA HIS D 170 27.44 -26.99 28.38
C HIS D 170 27.77 -26.94 26.90
N THR D 171 27.97 -25.73 26.38
CA THR D 171 28.36 -25.56 24.99
C THR D 171 29.82 -25.14 25.05
N PHE D 172 30.68 -25.89 24.37
CA PHE D 172 32.10 -25.60 24.40
C PHE D 172 32.58 -24.61 23.36
N PRO D 173 33.76 -24.01 23.58
CA PRO D 173 34.34 -23.04 22.67
C PRO D 173 34.78 -23.78 21.40
N ALA D 174 34.56 -23.17 20.25
CA ALA D 174 34.96 -23.81 19.01
C ALA D 174 36.49 -23.92 18.93
N VAL D 175 36.95 -24.93 18.22
CA VAL D 175 38.39 -25.15 18.04
C VAL D 175 38.62 -25.22 16.55
N LEU D 176 39.85 -24.98 16.12
CA LEU D 176 40.17 -25.01 14.70
C LEU D 176 40.81 -26.32 14.27
N GLN D 177 40.18 -26.99 13.32
CA GLN D 177 40.69 -28.25 12.81
C GLN D 177 41.72 -28.01 11.70
N SER D 178 42.71 -28.88 11.60
CA SER D 178 43.76 -28.72 10.58
C SER D 178 43.23 -28.43 9.18
N SER D 179 41.92 -28.52 9.00
CA SER D 179 41.30 -28.26 7.72
C SER D 179 40.91 -26.80 7.60
N GLY D 180 40.98 -26.09 8.72
CA GLY D 180 40.65 -24.68 8.72
C GLY D 180 39.16 -24.50 8.95
N LEU D 181 38.52 -25.57 9.42
CA LEU D 181 37.09 -25.55 9.69
C LEU D 181 36.90 -25.70 11.18
N TYR D 182 35.98 -24.93 11.73
CA TYR D 182 35.68 -24.98 13.15
C TYR D 182 34.85 -26.19 13.52
N SER D 183 34.84 -26.50 14.82
CA SER D 183 34.10 -27.65 15.33
C SER D 183 33.83 -27.42 16.81
N LEU D 184 32.70 -27.92 17.29
CA LEU D 184 32.34 -27.79 18.69
C LEU D 184 31.22 -28.72 19.09
N SER D 185 31.21 -29.07 20.38
CA SER D 185 30.19 -29.95 20.96
C SER D 185 29.31 -29.21 21.96
N SER D 186 28.14 -29.78 22.20
CA SER D 186 27.19 -29.22 23.14
C SER D 186 26.64 -30.43 23.89
N VAL D 187 26.80 -30.43 25.21
CA VAL D 187 26.32 -31.54 26.01
C VAL D 187 25.29 -31.08 27.02
N VAL D 188 24.60 -32.05 27.59
CA VAL D 188 23.61 -31.82 28.60
C VAL D 188 23.58 -33.12 29.43
N THR D 189 23.40 -32.98 30.74
CA THR D 189 23.36 -34.15 31.62
C THR D 189 21.98 -34.29 32.27
N VAL D 190 21.42 -35.50 32.24
CA VAL D 190 20.10 -35.76 32.83
C VAL D 190 20.04 -37.18 33.41
N PRO D 191 18.91 -37.55 34.02
CA PRO D 191 18.72 -38.88 34.61
C PRO D 191 18.61 -40.00 33.57
N SER D 192 19.22 -41.16 33.86
CA SER D 192 19.18 -42.30 32.93
C SER D 192 17.83 -43.01 32.94
N SER D 193 17.06 -42.82 34.01
CA SER D 193 15.77 -43.47 34.13
C SER D 193 14.83 -42.94 33.05
N SER D 194 14.97 -41.65 32.73
CA SER D 194 14.13 -40.97 31.75
C SER D 194 14.62 -40.96 30.30
N LEU D 195 15.56 -41.84 29.95
CA LEU D 195 16.04 -41.87 28.58
C LEU D 195 15.03 -42.60 27.71
N GLY D 196 13.80 -42.65 28.18
CA GLY D 196 12.74 -43.31 27.43
C GLY D 196 11.47 -42.51 27.40
N THR D 197 11.30 -41.65 28.39
CA THR D 197 10.11 -40.82 28.47
C THR D 197 10.37 -39.39 28.00
N GLN D 198 11.64 -39.01 27.96
CA GLN D 198 12.00 -37.66 27.52
C GLN D 198 12.47 -37.56 26.08
N THR D 199 12.60 -36.33 25.61
CA THR D 199 13.04 -36.04 24.24
C THR D 199 14.05 -34.92 24.33
N TYR D 200 15.15 -35.05 23.59
CA TYR D 200 16.17 -34.02 23.60
C TYR D 200 16.58 -33.65 22.19
N ILE D 201 16.43 -32.37 21.85
CA ILE D 201 16.79 -31.87 20.52
C ILE D 201 17.64 -30.61 20.59
N CYS D 202 18.79 -30.64 19.93
CA CYS D 202 19.66 -29.48 19.89
C CYS D 202 19.30 -28.69 18.63
N ASN D 203 18.99 -27.41 18.80
CA ASN D 203 18.63 -26.56 17.68
C ASN D 203 19.84 -25.73 17.33
N VAL D 204 20.60 -26.20 16.35
CA VAL D 204 21.80 -25.49 15.90
C VAL D 204 21.47 -24.56 14.75
N ASN D 205 21.98 -23.34 14.83
CA ASN D 205 21.77 -22.35 13.79
C ASN D 205 23.13 -21.70 13.50
N HIS D 206 23.43 -21.47 12.22
CA HIS D 206 24.70 -20.84 11.84
C HIS D 206 24.47 -19.34 11.56
N LYS D 207 23.96 -19.05 10.36
CA LYS D 207 23.65 -17.68 9.91
C LYS D 207 24.45 -17.26 8.70
N PRO D 208 25.79 -17.33 8.78
CA PRO D 208 26.51 -16.91 7.58
C PRO D 208 26.31 -17.90 6.42
N SER D 209 25.54 -18.95 6.69
CA SER D 209 25.26 -19.96 5.67
C SER D 209 23.77 -20.23 5.67
N ASN D 210 23.06 -19.56 6.57
CA ASN D 210 21.62 -19.76 6.68
C ASN D 210 21.35 -21.24 6.88
N THR D 211 22.01 -21.79 7.88
CA THR D 211 21.91 -23.20 8.21
C THR D 211 21.28 -23.41 9.57
N LYS D 212 20.06 -23.93 9.59
CA LYS D 212 19.40 -24.20 10.85
C LYS D 212 19.26 -25.71 10.85
N VAL D 213 19.42 -26.31 12.02
CA VAL D 213 19.33 -27.76 12.12
C VAL D 213 18.85 -28.22 13.49
N ASP D 214 17.91 -29.15 13.48
CA ASP D 214 17.39 -29.71 14.70
C ASP D 214 17.67 -31.19 14.62
N LYS D 215 18.54 -31.67 15.50
CA LYS D 215 18.88 -33.08 15.52
C LYS D 215 18.36 -33.64 16.82
N LYS D 216 17.57 -34.70 16.71
CA LYS D 216 16.98 -35.36 17.86
C LYS D 216 17.91 -36.45 18.40
N VAL D 217 18.55 -36.19 19.54
CA VAL D 217 19.47 -37.15 20.13
C VAL D 217 18.68 -38.28 20.79
N GLU D 218 18.94 -39.49 20.33
CA GLU D 218 18.25 -40.65 20.87
C GLU D 218 19.26 -41.62 21.43
N PRO D 219 18.86 -42.40 22.44
CA PRO D 219 19.75 -43.39 23.07
C PRO D 219 20.46 -44.29 22.06
#